data_5T3P
#
_entry.id   5T3P
#
_cell.length_a   113.730
_cell.length_b   113.730
_cell.length_c   108.200
_cell.angle_alpha   90.000
_cell.angle_beta   90.000
_cell.angle_gamma   120.000
#
_symmetry.space_group_name_H-M   'P 31 2 1'
#
loop_
_entity.id
_entity.type
_entity.pdbx_description
1 polymer 'Peroxisomal coenzyme A diphosphatase NUDT7'
2 non-polymer 1,2-ETHANEDIOL
3 water water
#
_entity_poly.entity_id   1
_entity_poly.type   'polypeptide(L)'
_entity_poly.pdbx_seq_one_letter_code
;SMSRLGLPEEPVRNSLLDDAKARLRKYDIGGKYSHLPYNKYSVLLPLVAKEGKLHLLFTVRSEKLRRAPGEVCFPGGKRD
PTDMDDAATALREAQEEVGLRPHQVEVVCCLVPCLIDTDTLITPFVGLIDHNFQAQPNPAEVKDVFLVPLAYFLHPQVHD
QHYVTRLGHRFINHIFEYTNPEDGVTYQIKGMTANLAVLVAFIILEKKPTFEVQFNLNDVLASSEELFLKVHKKAT
;
_entity_poly.pdbx_strand_id   A,B,C
#
# COMPACT_ATOMS: atom_id res chain seq x y z
N ASN A 14 33.90 -20.10 10.08
CA ASN A 14 33.16 -18.84 10.23
C ASN A 14 32.26 -18.56 9.03
N SER A 15 31.13 -17.90 9.30
CA SER A 15 30.16 -17.58 8.26
C SER A 15 30.52 -16.30 7.50
N LEU A 16 29.78 -16.01 6.44
CA LEU A 16 29.95 -14.75 5.72
C LEU A 16 29.81 -13.53 6.63
N LEU A 17 28.81 -13.55 7.51
CA LEU A 17 28.56 -12.41 8.39
C LEU A 17 29.57 -12.35 9.53
N ASP A 18 30.07 -13.51 9.95
CA ASP A 18 31.14 -13.53 10.95
C ASP A 18 32.42 -12.87 10.41
N ASP A 19 32.74 -13.13 9.15
CA ASP A 19 33.90 -12.49 8.53
C ASP A 19 33.70 -10.98 8.39
N ALA A 20 32.47 -10.56 8.05
CA ALA A 20 32.18 -9.13 7.95
C ALA A 20 32.35 -8.43 9.29
N LYS A 21 31.79 -9.03 10.34
CA LYS A 21 31.88 -8.48 11.68
C LYS A 21 33.38 -8.26 12.02
N ALA A 22 34.22 -9.25 11.71
CA ALA A 22 35.65 -9.17 11.91
C ALA A 22 36.29 -7.94 11.24
N ARG A 23 35.91 -7.64 10.00
CA ARG A 23 36.50 -6.49 9.37
C ARG A 23 35.86 -5.19 9.85
N LEU A 24 34.56 -5.23 10.15
CA LEU A 24 33.88 -4.00 10.57
C LEU A 24 34.31 -3.53 11.96
N ARG A 25 34.67 -4.46 12.85
CA ARG A 25 35.04 -4.08 14.21
C ARG A 25 36.20 -3.09 14.26
N LYS A 26 37.05 -3.13 13.24
CA LYS A 26 38.25 -2.29 13.25
C LYS A 26 37.91 -0.84 12.98
N TYR A 27 36.67 -0.59 12.54
CA TYR A 27 36.24 0.75 12.15
C TYR A 27 35.13 1.31 13.02
N ASP A 28 34.82 0.59 14.09
CA ASP A 28 33.81 1.03 15.05
C ASP A 28 34.36 2.17 15.92
N ILE A 29 33.75 3.36 15.84
CA ILE A 29 34.27 4.46 16.66
C ILE A 29 33.39 4.71 17.88
N GLY A 30 32.49 3.77 18.17
CA GLY A 30 31.64 3.85 19.34
C GLY A 30 30.86 5.16 19.47
N GLY A 31 31.03 5.83 20.62
CA GLY A 31 30.29 7.05 20.89
C GLY A 31 31.08 8.33 20.74
N LYS A 32 32.22 8.25 20.06
CA LYS A 32 33.14 9.39 19.93
C LYS A 32 32.46 10.66 19.46
N TYR A 33 31.48 10.54 18.56
CA TYR A 33 30.78 11.70 18.01
C TYR A 33 29.32 11.78 18.46
N SER A 34 29.02 11.26 19.65
CA SER A 34 27.72 11.48 20.28
C SER A 34 27.69 12.85 20.95
N HIS A 35 26.51 13.27 21.41
CA HIS A 35 26.37 14.50 22.20
C HIS A 35 26.72 15.79 21.43
N LEU A 36 26.65 15.76 20.11
CA LEU A 36 26.95 16.95 19.31
C LEU A 36 25.69 17.81 19.12
N PRO A 37 25.84 19.14 19.13
CA PRO A 37 24.72 20.07 19.10
C PRO A 37 24.07 20.21 17.72
N TYR A 38 23.62 19.10 17.16
CA TYR A 38 22.89 19.11 15.89
C TYR A 38 21.56 18.39 16.02
N ASN A 39 20.67 18.60 15.05
CA ASN A 39 19.48 17.78 14.91
C ASN A 39 19.88 16.37 14.47
N LYS A 40 19.31 15.36 15.12
CA LYS A 40 19.85 14.01 15.00
C LYS A 40 18.93 13.05 14.27
N TYR A 41 19.53 12.38 13.28
CA TYR A 41 18.92 11.27 12.55
C TYR A 41 19.88 10.08 12.65
N SER A 42 19.33 8.86 12.70
CA SER A 42 20.13 7.62 12.59
C SER A 42 19.73 6.82 11.37
N VAL A 43 20.69 6.09 10.79
CA VAL A 43 20.37 5.06 9.79
C VAL A 43 21.00 3.72 10.15
N LEU A 44 20.38 2.65 9.66
CA LEU A 44 20.92 1.32 9.84
C LEU A 44 21.28 0.71 8.48
N LEU A 45 22.54 0.33 8.29
CA LEU A 45 22.96 -0.41 7.10
C LEU A 45 22.80 -1.92 7.34
N PRO A 46 21.80 -2.56 6.70
CA PRO A 46 21.52 -3.96 7.03
C PRO A 46 22.19 -4.97 6.08
N LEU A 47 23.13 -5.75 6.60
CA LEU A 47 23.87 -6.72 5.79
C LEU A 47 23.20 -8.07 5.83
N VAL A 48 22.87 -8.57 4.63
CA VAL A 48 22.13 -9.82 4.47
C VAL A 48 22.92 -10.86 3.68
N ALA A 49 23.05 -12.08 4.23
CA ALA A 49 23.65 -13.19 3.48
C ALA A 49 22.59 -13.92 2.69
N LYS A 50 22.77 -14.03 1.37
CA LYS A 50 21.81 -14.71 0.53
C LYS A 50 22.50 -15.37 -0.67
N GLU A 51 22.20 -16.65 -0.89
CA GLU A 51 22.74 -17.41 -2.02
C GLU A 51 24.25 -17.36 -2.13
N GLY A 52 24.94 -17.46 -1.00
CA GLY A 52 26.39 -17.57 -1.02
C GLY A 52 27.13 -16.24 -1.01
N LYS A 53 26.42 -15.12 -0.91
CA LYS A 53 27.11 -13.82 -0.85
C LYS A 53 26.37 -12.77 -0.02
N LEU A 54 27.05 -11.66 0.27
CA LEU A 54 26.48 -10.58 1.07
C LEU A 54 25.76 -9.54 0.20
N HIS A 55 24.66 -9.00 0.74
CA HIS A 55 23.91 -7.91 0.11
C HIS A 55 23.57 -6.81 1.13
N LEU A 56 23.22 -5.62 0.63
CA LEU A 56 22.66 -4.54 1.48
C LEU A 56 21.17 -4.36 1.17
N LEU A 57 20.38 -4.10 2.22
CA LEU A 57 18.94 -3.88 2.07
C LEU A 57 18.61 -2.38 2.05
N PHE A 58 17.79 -1.96 1.09
CA PHE A 58 17.42 -0.55 0.91
C PHE A 58 15.90 -0.36 0.97
N THR A 59 15.46 0.88 1.23
CA THR A 59 14.04 1.22 1.14
C THR A 59 13.81 2.32 0.11
N VAL A 60 12.58 2.43 -0.40
CA VAL A 60 12.15 3.60 -1.17
C VAL A 60 11.10 4.33 -0.34
N ARG A 61 11.37 5.60 -0.03
CA ARG A 61 10.49 6.38 0.84
C ARG A 61 9.18 6.77 0.15
N SER A 62 8.08 6.78 0.89
CA SER A 62 6.78 7.13 0.31
C SER A 62 6.66 8.65 0.06
N GLU A 63 5.67 9.01 -0.75
CA GLU A 63 5.46 10.39 -1.18
C GLU A 63 4.98 11.34 -0.09
N LYS A 64 4.37 10.81 0.95
CA LYS A 64 3.65 11.64 1.89
C LYS A 64 4.58 12.21 2.97
N LEU A 65 5.84 11.80 2.94
CA LEU A 65 6.80 12.24 3.94
C LEU A 65 7.34 13.63 3.62
N ARG A 66 7.59 14.41 4.66
CA ARG A 66 8.19 15.74 4.46
C ARG A 66 9.61 15.59 3.95
N ARG A 67 10.44 14.91 4.73
CA ARG A 67 11.85 14.75 4.43
C ARG A 67 12.11 13.69 3.35
N ALA A 68 12.69 14.13 2.24
CA ALA A 68 13.19 13.24 1.20
C ALA A 68 12.16 12.23 0.69
N PRO A 69 11.00 12.70 0.20
CA PRO A 69 10.03 11.73 -0.33
C PRO A 69 10.47 11.10 -1.65
N GLY A 70 10.10 9.84 -1.88
CA GLY A 70 10.46 9.12 -3.09
C GLY A 70 11.90 8.63 -3.21
N GLU A 71 12.80 9.08 -2.32
CA GLU A 71 14.22 8.76 -2.44
C GLU A 71 14.58 7.35 -1.95
N VAL A 72 15.61 6.75 -2.56
CA VAL A 72 16.17 5.50 -2.06
C VAL A 72 17.07 5.80 -0.87
N CYS A 73 16.85 5.10 0.25
CA CYS A 73 17.67 5.31 1.45
C CYS A 73 17.86 4.00 2.25
N PHE A 74 18.78 4.00 3.23
CA PHE A 74 18.80 2.94 4.26
C PHE A 74 17.65 3.15 5.25
N PRO A 75 17.21 2.07 5.95
CA PRO A 75 16.19 2.30 6.98
C PRO A 75 16.71 3.23 8.09
N GLY A 76 15.83 3.96 8.77
CA GLY A 76 16.25 4.89 9.81
C GLY A 76 15.35 6.12 9.89
N GLY A 77 15.72 7.13 10.67
CA GLY A 77 14.87 8.29 10.83
C GLY A 77 15.29 9.25 11.92
N LYS A 78 14.42 10.21 12.23
CA LYS A 78 14.72 11.26 13.18
C LYS A 78 14.74 10.72 14.62
N ARG A 79 15.69 11.17 15.42
CA ARG A 79 15.75 10.74 16.82
C ARG A 79 14.59 11.34 17.62
N ASP A 80 13.74 10.49 18.17
CA ASP A 80 12.59 10.93 18.94
C ASP A 80 12.99 11.30 20.37
N PRO A 81 12.36 12.33 20.93
CA PRO A 81 12.62 12.69 22.32
C PRO A 81 12.48 11.51 23.29
N THR A 82 11.67 10.51 22.94
CA THR A 82 11.55 9.35 23.82
C THR A 82 12.61 8.26 23.57
N ASP A 83 13.40 8.35 22.49
CA ASP A 83 14.50 7.38 22.29
C ASP A 83 15.58 7.63 23.34
N MET A 84 16.21 6.56 23.83
CA MET A 84 17.27 6.70 24.84
C MET A 84 18.57 7.21 24.25
N ASP A 85 18.83 6.89 22.97
CA ASP A 85 20.10 7.23 22.31
C ASP A 85 20.03 7.00 20.80
N ASP A 86 21.12 7.29 20.10
CA ASP A 86 21.18 7.21 18.64
C ASP A 86 20.99 5.77 18.12
N ALA A 87 21.58 4.78 18.79
CA ALA A 87 21.38 3.38 18.37
C ALA A 87 19.92 2.90 18.51
N ALA A 88 19.25 3.36 19.57
CA ALA A 88 17.86 2.99 19.82
C ALA A 88 16.96 3.52 18.70
N THR A 89 17.30 4.69 18.20
CA THR A 89 16.57 5.26 17.05
C THR A 89 16.69 4.36 15.82
N ALA A 90 17.92 3.93 15.51
CA ALA A 90 18.12 3.08 14.34
C ALA A 90 17.30 1.79 14.41
N LEU A 91 17.25 1.17 15.58
CA LEU A 91 16.55 -0.08 15.76
C LEU A 91 15.03 0.08 15.69
N ARG A 92 14.48 1.05 16.41
CA ARG A 92 13.03 1.31 16.37
C ARG A 92 12.54 1.68 14.96
N GLU A 93 13.28 2.56 14.27
CA GLU A 93 12.85 2.98 12.94
C GLU A 93 12.86 1.81 11.95
N ALA A 94 13.88 0.95 12.06
CA ALA A 94 13.97 -0.21 11.19
C ALA A 94 12.79 -1.16 11.43
N GLN A 95 12.39 -1.34 12.70
CA GLN A 95 11.23 -2.19 12.97
C GLN A 95 9.97 -1.57 12.35
N GLU A 96 9.80 -0.27 12.51
CA GLU A 96 8.60 0.42 12.00
C GLU A 96 8.52 0.36 10.46
N GLU A 97 9.66 0.48 9.79
CA GLU A 97 9.68 0.57 8.32
C GLU A 97 9.64 -0.77 7.61
N VAL A 98 10.36 -1.78 8.13
CA VAL A 98 10.44 -3.05 7.40
C VAL A 98 10.15 -4.31 8.25
N GLY A 99 9.80 -4.13 9.51
CA GLY A 99 9.39 -5.24 10.36
C GLY A 99 10.53 -5.95 11.08
N LEU A 100 11.72 -5.36 11.07
CA LEU A 100 12.88 -6.00 11.70
C LEU A 100 12.79 -5.95 13.23
N ARG A 101 12.76 -7.11 13.88
CA ARG A 101 12.69 -7.14 15.35
C ARG A 101 14.10 -7.15 15.94
N PRO A 102 14.26 -6.73 17.22
CA PRO A 102 15.59 -6.60 17.85
C PRO A 102 16.45 -7.86 17.83
N HIS A 103 15.81 -9.03 17.94
CA HIS A 103 16.55 -10.29 17.99
C HIS A 103 17.04 -10.67 16.59
N GLN A 104 16.55 -9.99 15.56
CA GLN A 104 16.95 -10.33 14.19
C GLN A 104 18.11 -9.49 13.63
N VAL A 105 18.70 -8.62 14.46
CA VAL A 105 19.83 -7.79 14.00
C VAL A 105 20.89 -7.63 15.10
N GLU A 106 22.16 -7.79 14.74
CA GLU A 106 23.26 -7.49 15.68
C GLU A 106 24.05 -6.26 15.19
N VAL A 107 24.02 -5.19 15.99
CA VAL A 107 24.74 -3.98 15.63
C VAL A 107 26.22 -4.18 15.97
N VAL A 108 27.08 -4.12 14.95
CA VAL A 108 28.51 -4.37 15.20
C VAL A 108 29.42 -3.18 14.92
N CYS A 109 28.90 -2.09 14.37
CA CYS A 109 29.77 -0.95 14.05
C CYS A 109 29.00 0.37 14.02
N CYS A 110 29.56 1.41 14.64
CA CYS A 110 29.08 2.79 14.47
C CYS A 110 30.14 3.59 13.70
N LEU A 111 29.72 4.21 12.59
CA LEU A 111 30.68 4.88 11.68
C LEU A 111 30.77 6.39 11.93
N VAL A 112 31.84 7.01 11.42
CA VAL A 112 31.96 8.48 11.41
C VAL A 112 30.73 9.06 10.69
N PRO A 113 30.07 10.05 11.31
CA PRO A 113 28.78 10.55 10.81
C PRO A 113 28.90 11.57 9.67
N CYS A 114 27.79 11.89 9.02
CA CYS A 114 27.77 12.81 7.87
C CYS A 114 26.87 14.02 8.15
N LEU A 115 27.29 15.20 7.70
CA LEU A 115 26.45 16.39 7.83
C LEU A 115 25.71 16.72 6.54
N ILE A 116 24.42 16.40 6.48
CA ILE A 116 23.64 16.68 5.28
C ILE A 116 23.24 18.15 5.19
N ASP A 117 23.32 18.84 6.33
CA ASP A 117 22.98 20.25 6.42
C ASP A 117 23.96 20.97 7.31
N THR A 118 23.72 22.26 7.50
CA THR A 118 24.42 23.03 8.51
C THR A 118 23.89 22.65 9.89
N ASP A 119 22.74 21.98 9.91
CA ASP A 119 22.05 21.71 11.17
C ASP A 119 21.80 20.23 11.46
N THR A 120 22.08 19.35 10.49
CA THR A 120 21.60 17.98 10.57
C THR A 120 22.71 16.92 10.54
N LEU A 121 22.77 16.10 11.59
CA LEU A 121 23.77 15.06 11.67
C LEU A 121 23.15 13.66 11.54
N ILE A 122 23.67 12.88 10.60
CA ILE A 122 23.22 11.51 10.41
C ILE A 122 24.26 10.54 10.94
N THR A 123 23.84 9.70 11.88
CA THR A 123 24.72 8.69 12.47
C THR A 123 24.40 7.31 11.89
N PRO A 124 25.40 6.64 11.29
CA PRO A 124 25.22 5.34 10.65
C PRO A 124 25.61 4.15 11.53
N PHE A 125 24.76 3.13 11.59
CA PHE A 125 25.13 1.88 12.26
C PHE A 125 25.09 0.75 11.23
N VAL A 126 25.99 -0.22 11.37
CA VAL A 126 25.96 -1.40 10.52
C VAL A 126 25.44 -2.59 11.34
N GLY A 127 24.50 -3.34 10.75
CA GLY A 127 23.91 -4.47 11.44
C GLY A 127 23.93 -5.78 10.65
N LEU A 128 24.25 -6.87 11.33
CA LEU A 128 24.16 -8.21 10.72
C LEU A 128 22.74 -8.74 10.86
N ILE A 129 22.12 -9.13 9.75
CA ILE A 129 20.68 -9.50 9.74
C ILE A 129 20.49 -11.01 9.74
N ASP A 130 19.58 -11.51 10.57
CA ASP A 130 19.37 -12.96 10.65
C ASP A 130 18.80 -13.53 9.35
N HIS A 131 19.18 -14.77 9.03
CA HIS A 131 18.79 -15.39 7.77
C HIS A 131 17.31 -15.79 7.70
N ASN A 132 16.61 -15.84 8.83
CA ASN A 132 15.17 -16.14 8.76
C ASN A 132 14.29 -14.86 8.76
N PHE A 133 14.88 -13.68 8.70
CA PHE A 133 14.12 -12.43 8.57
C PHE A 133 13.47 -12.32 7.18
N GLN A 134 12.19 -11.95 7.14
CA GLN A 134 11.52 -11.66 5.87
C GLN A 134 10.94 -10.26 5.92
N ALA A 135 11.40 -9.35 5.04
CA ALA A 135 10.97 -7.94 5.11
C ALA A 135 9.46 -7.81 4.95
N GLN A 136 8.86 -6.92 5.73
CA GLN A 136 7.45 -6.54 5.55
C GLN A 136 7.32 -5.02 5.44
N PRO A 137 7.38 -4.47 4.21
CA PRO A 137 7.35 -3.02 4.03
C PRO A 137 6.11 -2.40 4.70
N ASN A 138 6.29 -1.30 5.43
CA ASN A 138 5.15 -0.57 6.01
C ASN A 138 4.68 0.48 4.99
N PRO A 139 3.51 0.28 4.39
CA PRO A 139 3.11 1.12 3.25
C PRO A 139 2.83 2.56 3.66
N ALA A 140 2.69 2.81 4.96
CA ALA A 140 2.57 4.17 5.42
C ALA A 140 3.79 4.99 5.01
N GLU A 141 4.98 4.39 5.08
CA GLU A 141 6.18 5.21 4.86
C GLU A 141 7.23 4.63 3.93
N VAL A 142 7.02 3.40 3.47
CA VAL A 142 7.94 2.73 2.55
C VAL A 142 7.17 2.17 1.34
N LYS A 143 7.52 2.61 0.13
CA LYS A 143 6.91 2.13 -1.10
C LYS A 143 7.44 0.78 -1.57
N ASP A 144 8.67 0.46 -1.20
CA ASP A 144 9.35 -0.73 -1.70
C ASP A 144 10.57 -1.01 -0.82
N VAL A 145 10.99 -2.28 -0.81
CA VAL A 145 12.19 -2.73 -0.08
C VAL A 145 12.93 -3.64 -1.05
N PHE A 146 14.24 -3.45 -1.21
CA PHE A 146 15.01 -4.29 -2.14
C PHE A 146 16.45 -4.54 -1.69
N LEU A 147 17.09 -5.56 -2.29
CA LEU A 147 18.50 -5.91 -2.04
C LEU A 147 19.42 -5.57 -3.22
N VAL A 148 20.68 -5.22 -2.92
CA VAL A 148 21.75 -5.14 -3.93
C VAL A 148 22.98 -5.90 -3.42
N PRO A 149 23.57 -6.76 -4.27
CA PRO A 149 24.81 -7.46 -3.90
C PRO A 149 25.89 -6.48 -3.45
N LEU A 150 26.56 -6.78 -2.33
CA LEU A 150 27.58 -5.88 -1.80
C LEU A 150 28.67 -5.57 -2.83
N ALA A 151 29.08 -6.58 -3.59
CA ALA A 151 30.18 -6.42 -4.54
C ALA A 151 29.84 -5.43 -5.68
N TYR A 152 28.56 -5.21 -5.92
CA TYR A 152 28.14 -4.32 -7.00
C TYR A 152 28.66 -2.91 -6.77
N PHE A 153 28.88 -2.52 -5.52
CA PHE A 153 29.29 -1.14 -5.23
C PHE A 153 30.79 -0.96 -5.44
N LEU A 154 31.51 -2.03 -5.73
CA LEU A 154 32.92 -1.92 -6.05
C LEU A 154 33.18 -2.22 -7.52
N HIS A 155 32.36 -3.09 -8.11
CA HIS A 155 32.48 -3.40 -9.53
C HIS A 155 31.11 -3.36 -10.20
N PRO A 156 30.58 -2.14 -10.41
CA PRO A 156 29.24 -1.98 -10.99
C PRO A 156 29.19 -2.20 -12.50
N GLN A 157 28.05 -2.67 -13.00
CA GLN A 157 27.83 -2.72 -14.44
C GLN A 157 27.42 -1.34 -14.96
N VAL A 158 26.57 -0.65 -14.22
CA VAL A 158 26.11 0.68 -14.63
C VAL A 158 26.40 1.66 -13.48
N HIS A 159 27.19 2.71 -13.75
CA HIS A 159 27.60 3.67 -12.73
C HIS A 159 28.15 4.97 -13.35
N ASP A 160 27.81 6.10 -12.73
CA ASP A 160 28.38 7.39 -13.14
C ASP A 160 28.70 8.22 -11.89
N GLN A 161 29.56 9.22 -12.02
CA GLN A 161 29.91 10.04 -10.86
C GLN A 161 30.37 11.42 -11.30
N HIS A 162 30.09 12.42 -10.46
CA HIS A 162 30.54 13.79 -10.74
C HIS A 162 30.94 14.53 -9.46
N TYR A 163 32.04 15.30 -9.54
CA TYR A 163 32.43 16.20 -8.46
C TYR A 163 31.32 17.19 -8.14
N VAL A 164 31.19 17.55 -6.87
CA VAL A 164 30.42 18.73 -6.51
C VAL A 164 31.03 19.39 -5.27
N THR A 165 31.69 20.52 -5.48
CA THR A 165 32.24 21.29 -4.37
C THR A 165 31.12 21.97 -3.61
N ARG A 166 30.84 21.50 -2.39
CA ARG A 166 29.72 22.03 -1.63
C ARG A 166 29.75 21.67 -0.14
N LEU A 167 30.27 22.52 0.75
CA LEU A 167 30.97 23.78 0.47
C LEU A 167 31.70 24.22 1.74
N GLY A 168 33.01 24.50 1.60
CA GLY A 168 33.81 24.20 0.41
C GLY A 168 34.14 22.71 0.32
N HIS A 169 35.32 22.35 -0.16
CA HIS A 169 35.70 20.93 -0.28
C HIS A 169 34.88 20.15 -1.32
N ARG A 170 35.58 19.41 -2.17
CA ARG A 170 34.96 18.58 -3.19
C ARG A 170 34.48 17.22 -2.70
N PHE A 171 33.18 16.97 -2.86
CA PHE A 171 32.63 15.64 -2.63
C PHE A 171 32.36 14.92 -3.94
N ILE A 172 32.04 13.63 -3.86
CA ILE A 172 31.74 12.84 -5.04
C ILE A 172 30.30 12.36 -5.02
N ASN A 173 29.53 12.75 -6.03
CA ASN A 173 28.17 12.24 -6.18
C ASN A 173 28.15 11.02 -7.09
N HIS A 174 27.83 9.85 -6.51
CA HIS A 174 27.67 8.64 -7.30
C HIS A 174 26.22 8.43 -7.76
N ILE A 175 26.04 7.79 -8.90
CA ILE A 175 24.75 7.20 -9.25
C ILE A 175 24.98 5.78 -9.74
N PHE A 176 24.51 4.82 -8.93
CA PHE A 176 24.51 3.40 -9.25
C PHE A 176 23.16 2.99 -9.80
N GLU A 177 23.18 2.17 -10.85
CA GLU A 177 21.93 1.64 -11.37
C GLU A 177 21.98 0.12 -11.28
N TYR A 178 20.97 -0.47 -10.65
CA TYR A 178 20.92 -1.93 -10.49
C TYR A 178 19.57 -2.54 -10.86
N THR A 179 19.61 -3.54 -11.74
CA THR A 179 18.43 -4.28 -12.13
C THR A 179 18.40 -5.65 -11.48
N ASN A 180 17.33 -5.94 -10.76
CA ASN A 180 17.15 -7.26 -10.16
C ASN A 180 16.67 -8.26 -11.20
N PRO A 181 17.47 -9.31 -11.49
CA PRO A 181 17.15 -10.25 -12.56
C PRO A 181 15.94 -11.15 -12.22
N GLU A 182 15.72 -11.40 -10.93
CA GLU A 182 14.57 -12.18 -10.46
C GLU A 182 13.22 -11.55 -10.85
N ASP A 183 13.06 -10.25 -10.63
CA ASP A 183 11.76 -9.62 -10.90
C ASP A 183 11.76 -8.50 -11.95
N GLY A 184 12.92 -8.20 -12.52
CA GLY A 184 13.01 -7.22 -13.60
C GLY A 184 12.94 -5.73 -13.24
N VAL A 185 12.91 -5.38 -11.96
CA VAL A 185 12.83 -3.97 -11.58
C VAL A 185 14.23 -3.31 -11.42
N THR A 186 14.34 -2.08 -11.90
CA THR A 186 15.60 -1.33 -11.86
C THR A 186 15.57 -0.22 -10.81
N TYR A 187 16.63 -0.11 -10.02
CA TYR A 187 16.74 0.93 -8.98
C TYR A 187 17.97 1.81 -9.18
N GLN A 188 17.86 3.08 -8.77
CA GLN A 188 19.02 3.98 -8.72
C GLN A 188 19.40 4.32 -7.28
N ILE A 189 20.68 4.19 -6.97
CA ILE A 189 21.20 4.50 -5.63
C ILE A 189 22.23 5.64 -5.73
N LYS A 190 22.02 6.71 -4.97
CA LYS A 190 22.85 7.91 -5.13
C LYS A 190 23.11 8.66 -3.82
N GLY A 191 23.87 9.75 -3.89
CA GLY A 191 24.04 10.64 -2.75
C GLY A 191 24.75 10.04 -1.55
N MET A 192 24.37 10.49 -0.36
CA MET A 192 24.99 9.99 0.87
C MET A 192 24.80 8.48 1.02
N THR A 193 23.63 7.97 0.62
CA THR A 193 23.36 6.53 0.64
C THR A 193 24.39 5.72 -0.18
N ALA A 194 24.69 6.19 -1.39
CA ALA A 194 25.71 5.53 -2.21
C ALA A 194 27.12 5.64 -1.60
N ASN A 195 27.46 6.80 -1.02
CA ASN A 195 28.79 6.97 -0.41
C ASN A 195 29.00 5.92 0.69
N LEU A 196 27.97 5.75 1.52
CA LEU A 196 28.01 4.78 2.61
C LEU A 196 28.11 3.33 2.12
N ALA A 197 27.34 2.99 1.09
CA ALA A 197 27.39 1.63 0.53
C ALA A 197 28.82 1.31 0.06
N VAL A 198 29.44 2.24 -0.67
CA VAL A 198 30.79 2.01 -1.19
C VAL A 198 31.83 1.85 -0.07
N LEU A 199 31.72 2.71 0.94
CA LEU A 199 32.64 2.66 2.08
C LEU A 199 32.55 1.29 2.76
N VAL A 200 31.33 0.87 3.08
CA VAL A 200 31.17 -0.38 3.83
C VAL A 200 31.54 -1.58 2.95
N ALA A 201 31.20 -1.53 1.67
CA ALA A 201 31.60 -2.60 0.75
C ALA A 201 33.13 -2.76 0.70
N PHE A 202 33.86 -1.64 0.68
CA PHE A 202 35.32 -1.70 0.61
C PHE A 202 35.90 -2.23 1.91
N ILE A 203 35.35 -1.77 3.04
CA ILE A 203 35.76 -2.28 4.34
C ILE A 203 35.61 -3.80 4.41
N ILE A 204 34.51 -4.32 3.88
CA ILE A 204 34.22 -5.74 4.06
C ILE A 204 34.93 -6.62 3.02
N LEU A 205 35.02 -6.15 1.77
CA LEU A 205 35.57 -6.97 0.67
C LEU A 205 37.04 -6.66 0.34
N GLU A 206 37.46 -5.43 0.58
CA GLU A 206 38.85 -5.01 0.36
C GLU A 206 39.32 -5.09 -1.10
N LYS A 207 38.39 -4.88 -2.03
CA LYS A 207 38.75 -4.75 -3.44
C LYS A 207 38.72 -3.28 -3.87
N LYS A 208 39.72 -2.86 -4.62
CA LYS A 208 39.75 -1.50 -5.17
C LYS A 208 38.63 -1.28 -6.20
N PRO A 209 37.88 -0.16 -6.05
CA PRO A 209 36.78 0.10 -6.98
C PRO A 209 37.28 0.44 -8.38
N THR A 210 36.40 0.33 -9.38
CA THR A 210 36.74 0.71 -10.75
C THR A 210 36.47 2.20 -11.00
N PHE A 211 36.64 3.02 -9.97
CA PHE A 211 36.32 4.44 -10.00
C PHE A 211 36.92 5.19 -8.79
N GLU A 212 36.82 6.52 -8.81
CA GLU A 212 37.40 7.33 -7.74
C GLU A 212 36.46 7.44 -6.54
N VAL A 213 37.02 7.44 -5.34
CA VAL A 213 36.20 7.59 -4.14
C VAL A 213 36.67 8.80 -3.29
N GLN A 214 35.70 9.40 -2.60
CA GLN A 214 35.80 10.30 -1.43
C GLN A 214 36.91 10.12 -0.36
N PHE A 215 37.15 8.88 0.07
CA PHE A 215 38.08 8.60 1.14
C PHE A 215 39.41 8.06 0.61
N ASN A 216 40.37 7.86 1.52
CA ASN A 216 41.70 7.35 1.17
C ASN A 216 41.77 5.82 1.33
N LEU A 217 41.88 5.12 0.20
CA LEU A 217 41.87 3.66 0.20
C LEU A 217 42.96 3.02 1.08
N ASN A 218 44.09 3.72 1.27
CA ASN A 218 45.15 3.22 2.13
C ASN A 218 45.05 3.72 3.57
N ASP A 219 44.05 4.55 3.85
CA ASP A 219 43.95 5.18 5.17
C ASP A 219 42.48 5.49 5.53
N VAL A 220 41.63 4.49 5.40
CA VAL A 220 40.18 4.67 5.45
C VAL A 220 39.68 5.42 6.69
N LEU A 221 40.09 4.99 7.88
CA LEU A 221 39.55 5.54 9.11
C LEU A 221 39.97 6.99 9.36
N ALA A 222 41.27 7.27 9.25
CA ALA A 222 41.80 8.61 9.50
C ALA A 222 41.27 9.61 8.49
N SER A 223 41.21 9.23 7.22
CA SER A 223 40.72 10.13 6.18
C SER A 223 39.22 10.42 6.38
N SER A 224 38.47 9.41 6.81
CA SER A 224 37.04 9.59 7.11
C SER A 224 36.79 10.63 8.19
N GLU A 225 37.56 10.58 9.27
CA GLU A 225 37.42 11.53 10.37
C GLU A 225 37.81 12.96 9.97
N GLU A 226 38.90 13.08 9.23
CA GLU A 226 39.40 14.39 8.79
C GLU A 226 38.33 15.05 7.95
N LEU A 227 37.70 14.24 7.11
CA LEU A 227 36.68 14.71 6.21
C LEU A 227 35.53 15.36 6.99
N PHE A 228 35.05 14.63 7.99
CA PHE A 228 33.99 15.15 8.84
C PHE A 228 34.42 16.41 9.61
N LEU A 229 35.62 16.38 10.15
CA LEU A 229 36.12 17.51 10.93
C LEU A 229 36.26 18.76 10.09
N LYS A 230 36.62 18.58 8.82
CA LYS A 230 36.82 19.70 7.91
C LYS A 230 35.50 20.40 7.57
N VAL A 231 34.38 19.77 7.90
CA VAL A 231 33.07 20.38 7.69
C VAL A 231 32.43 20.72 9.03
N HIS A 232 32.98 20.16 10.11
CA HIS A 232 32.45 20.38 11.46
C HIS A 232 33.12 21.57 12.15
N ASN B 14 -29.20 -5.86 15.69
CA ASN B 14 -28.14 -4.91 15.32
C ASN B 14 -28.51 -3.46 15.64
N SER B 15 -29.82 -3.23 15.77
CA SER B 15 -30.46 -1.99 16.23
C SER B 15 -29.69 -0.67 16.16
N LEU B 16 -28.71 -0.49 17.04
CA LEU B 16 -28.09 0.82 17.22
C LEU B 16 -27.37 1.33 15.97
N LEU B 17 -26.82 0.41 15.18
CA LEU B 17 -26.19 0.78 13.92
C LEU B 17 -27.20 0.77 12.77
N ASP B 18 -28.26 -0.03 12.92
CA ASP B 18 -29.34 -0.10 11.95
C ASP B 18 -30.09 1.25 11.85
N ASP B 19 -30.39 1.82 13.01
CA ASP B 19 -31.01 3.15 13.07
C ASP B 19 -30.15 4.22 12.36
N ALA B 20 -28.84 4.19 12.61
CA ALA B 20 -27.96 5.19 12.03
C ALA B 20 -27.91 5.07 10.50
N LYS B 21 -27.79 3.84 10.00
CA LYS B 21 -27.80 3.61 8.55
C LYS B 21 -29.05 4.18 7.91
N ALA B 22 -30.18 4.01 8.60
CA ALA B 22 -31.45 4.44 8.05
C ALA B 22 -31.49 5.96 7.91
N ARG B 23 -31.00 6.68 8.92
CA ARG B 23 -31.05 8.15 8.87
C ARG B 23 -30.00 8.72 7.91
N LEU B 24 -28.88 8.02 7.76
CA LEU B 24 -27.81 8.48 6.88
C LEU B 24 -28.16 8.31 5.40
N ARG B 25 -29.03 7.35 5.10
CA ARG B 25 -29.40 7.00 3.72
C ARG B 25 -29.86 8.20 2.89
N LYS B 26 -30.69 9.04 3.49
CA LYS B 26 -31.21 10.24 2.85
C LYS B 26 -30.11 11.23 2.39
N TYR B 27 -28.92 11.12 2.97
CA TYR B 27 -27.89 12.12 2.71
C TYR B 27 -26.80 11.63 1.76
N ASP B 28 -26.91 10.39 1.31
CA ASP B 28 -25.89 9.78 0.44
C ASP B 28 -25.99 10.29 -1.01
N ILE B 29 -25.22 11.33 -1.34
CA ILE B 29 -25.28 11.87 -2.70
C ILE B 29 -23.94 12.28 -3.31
N GLY B 30 -22.87 12.23 -2.51
CA GLY B 30 -21.55 12.69 -2.95
C GLY B 30 -20.92 12.15 -4.23
N GLY B 31 -21.14 10.87 -4.57
CA GLY B 31 -20.57 10.28 -5.78
C GLY B 31 -20.79 11.13 -7.02
N LYS B 32 -21.95 11.77 -7.04
CA LYS B 32 -22.30 12.85 -7.95
C LYS B 32 -21.16 13.86 -8.26
N TYR B 33 -20.21 14.01 -7.35
CA TYR B 33 -19.12 14.97 -7.56
C TYR B 33 -17.74 14.32 -7.75
N SER B 34 -17.72 13.04 -8.08
CA SER B 34 -16.47 12.27 -8.03
C SER B 34 -15.52 12.58 -9.19
N HIS B 35 -15.98 13.36 -10.16
CA HIS B 35 -15.22 13.53 -11.39
C HIS B 35 -14.72 14.95 -11.62
N LEU B 36 -14.78 15.79 -10.58
CA LEU B 36 -14.17 17.11 -10.66
C LEU B 36 -12.66 17.01 -10.47
N PRO B 37 -11.88 17.57 -11.41
CA PRO B 37 -10.41 17.36 -11.43
C PRO B 37 -9.61 18.07 -10.33
N TYR B 38 -10.01 17.93 -9.07
CA TYR B 38 -9.24 18.48 -7.95
C TYR B 38 -8.10 17.55 -7.54
N ASN B 39 -7.22 18.04 -6.69
CA ASN B 39 -6.30 17.17 -5.99
C ASN B 39 -7.11 16.45 -4.90
N LYS B 40 -7.30 15.14 -5.03
CA LYS B 40 -8.35 14.45 -4.28
C LYS B 40 -7.90 13.63 -3.07
N TYR B 41 -8.63 13.81 -1.98
CA TYR B 41 -8.45 13.08 -0.71
C TYR B 41 -9.79 12.49 -0.27
N SER B 42 -9.75 11.33 0.42
CA SER B 42 -10.95 10.75 1.02
C SER B 42 -10.82 10.64 2.52
N VAL B 43 -11.91 10.83 3.27
CA VAL B 43 -11.88 10.48 4.71
C VAL B 43 -13.02 9.53 5.09
N LEU B 44 -12.79 8.77 6.16
CA LEU B 44 -13.82 7.86 6.67
C LEU B 44 -14.21 8.27 8.09
N LEU B 45 -15.49 8.54 8.31
CA LEU B 45 -15.99 8.83 9.66
C LEU B 45 -16.43 7.53 10.31
N PRO B 46 -15.69 7.02 11.31
CA PRO B 46 -16.06 5.69 11.79
C PRO B 46 -16.98 5.72 13.01
N LEU B 47 -18.18 5.15 12.87
CA LEU B 47 -19.15 5.11 13.96
C LEU B 47 -19.01 3.81 14.74
N VAL B 48 -18.82 3.94 16.06
CA VAL B 48 -18.54 2.81 16.96
C VAL B 48 -19.52 2.76 18.13
N ALA B 49 -20.07 1.59 18.45
CA ALA B 49 -20.91 1.46 19.63
C ALA B 49 -20.06 1.15 20.86
N LYS B 50 -20.32 1.86 21.96
CA LYS B 50 -19.62 1.62 23.21
C LYS B 50 -20.53 2.01 24.34
N GLU B 51 -20.57 1.17 25.38
CA GLU B 51 -21.45 1.36 26.54
C GLU B 51 -22.85 1.86 26.15
N GLY B 52 -23.40 1.29 25.09
CA GLY B 52 -24.77 1.57 24.68
C GLY B 52 -25.02 2.80 23.83
N LYS B 53 -23.98 3.52 23.42
CA LYS B 53 -24.18 4.71 22.59
C LYS B 53 -23.14 4.82 21.48
N LEU B 54 -23.41 5.69 20.51
CA LEU B 54 -22.49 5.87 19.38
C LEU B 54 -21.34 6.79 19.72
N HIS B 55 -20.17 6.45 19.19
CA HIS B 55 -18.96 7.27 19.27
C HIS B 55 -18.34 7.45 17.89
N LEU B 56 -17.57 8.52 17.71
CA LEU B 56 -16.72 8.70 16.54
C LEU B 56 -15.24 8.39 16.88
N LEU B 57 -14.56 7.74 15.95
CA LEU B 57 -13.13 7.45 16.09
C LEU B 57 -12.23 8.48 15.37
N PHE B 58 -11.19 8.96 16.08
CA PHE B 58 -10.26 9.96 15.54
C PHE B 58 -8.81 9.47 15.59
N THR B 59 -7.97 10.04 14.73
CA THR B 59 -6.53 9.81 14.80
C THR B 59 -5.79 11.12 15.10
N VAL B 60 -4.59 11.01 15.68
CA VAL B 60 -3.62 12.10 15.78
C VAL B 60 -2.46 11.83 14.82
N ARG B 61 -2.24 12.73 13.86
CA ARG B 61 -1.23 12.51 12.80
C ARG B 61 0.22 12.65 13.28
N SER B 62 1.14 11.87 12.70
CA SER B 62 2.57 11.99 13.02
C SER B 62 3.20 13.29 12.55
N GLU B 63 4.29 13.68 13.20
CA GLU B 63 5.06 14.86 12.80
C GLU B 63 5.80 14.65 11.48
N LYS B 64 6.14 13.40 11.17
CA LYS B 64 6.82 13.02 9.91
C LYS B 64 6.14 13.52 8.66
N LEU B 65 4.82 13.65 8.73
CA LEU B 65 4.03 13.89 7.53
C LEU B 65 4.13 15.32 7.04
N ARG B 66 4.04 15.48 5.72
CA ARG B 66 4.04 16.80 5.11
C ARG B 66 2.78 17.56 5.49
N ARG B 67 1.64 16.89 5.32
CA ARG B 67 0.34 17.53 5.47
C ARG B 67 -0.25 17.38 6.86
N ALA B 68 -0.50 18.52 7.52
CA ALA B 68 -1.14 18.58 8.83
C ALA B 68 -0.49 17.73 9.92
N PRO B 69 0.85 17.82 10.06
CA PRO B 69 1.43 17.02 11.13
C PRO B 69 0.95 17.46 12.52
N GLY B 70 0.64 16.49 13.37
CA GLY B 70 0.26 16.78 14.74
C GLY B 70 -1.22 16.99 14.96
N GLU B 71 -2.00 17.16 13.89
CA GLU B 71 -3.41 17.52 14.02
C GLU B 71 -4.35 16.33 14.24
N VAL B 72 -5.54 16.59 14.77
CA VAL B 72 -6.59 15.58 14.90
C VAL B 72 -7.42 15.52 13.62
N CYS B 73 -7.65 14.32 13.11
CA CYS B 73 -8.43 14.13 11.88
C CYS B 73 -9.12 12.75 11.89
N PHE B 74 -10.00 12.55 10.92
CA PHE B 74 -10.56 11.22 10.65
C PHE B 74 -9.55 10.40 9.85
N PRO B 75 -9.62 9.07 9.93
CA PRO B 75 -8.80 8.26 9.02
C PRO B 75 -9.09 8.62 7.56
N GLY B 76 -8.06 8.60 6.73
CA GLY B 76 -8.20 8.88 5.31
C GLY B 76 -6.86 9.26 4.69
N GLY B 77 -6.88 9.78 3.47
CA GLY B 77 -5.66 10.17 2.80
C GLY B 77 -5.83 10.50 1.32
N LYS B 78 -4.69 10.69 0.65
CA LYS B 78 -4.64 11.11 -0.75
C LYS B 78 -5.02 9.96 -1.68
N ARG B 79 -5.89 10.23 -2.65
CA ARG B 79 -6.26 9.18 -3.61
C ARG B 79 -5.07 8.80 -4.48
N ASP B 80 -4.75 7.51 -4.51
CA ASP B 80 -3.59 7.01 -5.24
C ASP B 80 -4.00 6.66 -6.66
N PRO B 81 -3.09 6.82 -7.63
CA PRO B 81 -3.40 6.51 -9.03
C PRO B 81 -3.86 5.05 -9.22
N THR B 82 -3.41 4.14 -8.37
CA THR B 82 -3.82 2.75 -8.44
C THR B 82 -5.11 2.43 -7.65
N ASP B 83 -5.62 3.39 -6.86
CA ASP B 83 -6.97 3.24 -6.28
C ASP B 83 -8.04 3.26 -7.38
N MET B 84 -9.06 2.40 -7.31
CA MET B 84 -10.11 2.37 -8.33
C MET B 84 -11.09 3.54 -8.25
N ASP B 85 -11.32 4.06 -7.05
CA ASP B 85 -12.26 5.19 -6.86
C ASP B 85 -12.11 5.81 -5.48
N ASP B 86 -12.94 6.82 -5.16
CA ASP B 86 -12.79 7.53 -3.90
C ASP B 86 -13.08 6.69 -2.66
N ALA B 87 -14.05 5.77 -2.72
CA ALA B 87 -14.33 4.94 -1.54
C ALA B 87 -13.21 3.93 -1.29
N ALA B 88 -12.60 3.43 -2.36
CA ALA B 88 -11.45 2.52 -2.23
C ALA B 88 -10.27 3.22 -1.50
N THR B 89 -10.10 4.51 -1.76
CA THR B 89 -9.09 5.28 -1.06
C THR B 89 -9.38 5.33 0.44
N ALA B 90 -10.63 5.64 0.80
CA ALA B 90 -11.02 5.68 2.21
C ALA B 90 -10.72 4.37 2.93
N LEU B 91 -11.11 3.27 2.30
CA LEU B 91 -10.94 1.95 2.91
C LEU B 91 -9.49 1.56 3.09
N ARG B 92 -8.69 1.72 2.03
CA ARG B 92 -7.26 1.34 2.09
C ARG B 92 -6.54 2.16 3.16
N GLU B 93 -6.79 3.46 3.18
CA GLU B 93 -6.10 4.35 4.14
C GLU B 93 -6.47 3.97 5.58
N ALA B 94 -7.74 3.64 5.81
CA ALA B 94 -8.18 3.25 7.14
C ALA B 94 -7.45 1.98 7.58
N GLN B 95 -7.25 1.04 6.65
CA GLN B 95 -6.56 -0.18 7.02
C GLN B 95 -5.11 0.13 7.38
N GLU B 96 -4.47 0.95 6.55
CA GLU B 96 -3.08 1.30 6.76
C GLU B 96 -2.86 2.07 8.08
N GLU B 97 -3.83 2.91 8.44
CA GLU B 97 -3.65 3.81 9.60
C GLU B 97 -4.04 3.17 10.94
N VAL B 98 -5.14 2.41 10.97
CA VAL B 98 -5.60 1.87 12.26
C VAL B 98 -5.92 0.37 12.22
N GLY B 99 -5.61 -0.29 11.10
CA GLY B 99 -5.77 -1.73 11.04
C GLY B 99 -7.18 -2.22 10.74
N LEU B 100 -8.06 -1.33 10.32
CA LEU B 100 -9.44 -1.71 10.01
C LEU B 100 -9.54 -2.52 8.69
N ARG B 101 -10.07 -3.74 8.76
CA ARG B 101 -10.18 -4.56 7.54
C ARG B 101 -11.57 -4.44 6.87
N PRO B 102 -11.65 -4.75 5.55
CA PRO B 102 -12.88 -4.50 4.79
C PRO B 102 -14.13 -5.13 5.39
N HIS B 103 -14.01 -6.32 5.99
CA HIS B 103 -15.20 -6.95 6.59
C HIS B 103 -15.66 -6.27 7.88
N GLN B 104 -14.84 -5.40 8.46
CA GLN B 104 -15.17 -4.79 9.76
C GLN B 104 -15.87 -3.44 9.64
N VAL B 105 -16.16 -3.03 8.41
CA VAL B 105 -16.82 -1.73 8.20
C VAL B 105 -17.83 -1.79 7.07
N GLU B 106 -19.00 -1.18 7.29
CA GLU B 106 -19.99 -0.98 6.22
C GLU B 106 -20.13 0.50 5.88
N VAL B 107 -19.72 0.85 4.67
CA VAL B 107 -19.89 2.23 4.18
C VAL B 107 -21.33 2.49 3.76
N VAL B 108 -21.98 3.46 4.42
CA VAL B 108 -23.40 3.70 4.18
C VAL B 108 -23.76 5.11 3.70
N CYS B 109 -22.78 5.97 3.47
CA CYS B 109 -23.07 7.34 3.06
C CYS B 109 -21.84 8.00 2.45
N CYS B 110 -22.02 8.67 1.32
CA CYS B 110 -21.01 9.57 0.78
C CYS B 110 -21.58 10.98 0.83
N LEU B 111 -20.96 11.86 1.60
CA LEU B 111 -21.49 13.21 1.84
C LEU B 111 -21.00 14.24 0.80
N VAL B 112 -21.67 15.38 0.75
CA VAL B 112 -21.21 16.55 -0.02
C VAL B 112 -19.77 16.92 0.35
N PRO B 113 -18.90 17.09 -0.65
CA PRO B 113 -17.48 17.26 -0.34
C PRO B 113 -17.12 18.64 0.22
N CYS B 114 -15.90 18.78 0.69
CA CYS B 114 -15.43 20.07 1.22
C CYS B 114 -14.18 20.55 0.49
N LEU B 115 -14.18 21.80 0.07
CA LEU B 115 -12.96 22.41 -0.46
C LEU B 115 -12.09 22.94 0.67
N ILE B 116 -10.84 22.49 0.72
CA ILE B 116 -9.92 22.93 1.75
C ILE B 116 -9.03 24.05 1.21
N ASP B 117 -8.88 24.11 -0.11
CA ASP B 117 -8.37 25.30 -0.80
C ASP B 117 -8.94 25.30 -2.21
N THR B 118 -8.41 26.17 -3.07
CA THR B 118 -8.97 26.29 -4.41
C THR B 118 -8.67 25.06 -5.29
N ASP B 119 -7.66 24.28 -4.93
CA ASP B 119 -7.25 23.15 -5.77
C ASP B 119 -7.41 21.78 -5.12
N THR B 120 -7.94 21.72 -3.90
CA THR B 120 -8.00 20.47 -3.13
C THR B 120 -9.39 20.12 -2.58
N LEU B 121 -9.82 18.87 -2.78
CA LEU B 121 -11.17 18.47 -2.40
C LEU B 121 -11.21 17.19 -1.55
N ILE B 122 -11.92 17.26 -0.42
CA ILE B 122 -12.08 16.11 0.49
C ILE B 122 -13.46 15.46 0.33
N THR B 123 -13.49 14.19 -0.05
CA THR B 123 -14.74 13.43 -0.10
C THR B 123 -14.93 12.57 1.18
N PRO B 124 -16.00 12.84 1.96
CA PRO B 124 -16.20 12.11 3.21
C PRO B 124 -17.16 10.93 3.07
N PHE B 125 -16.81 9.80 3.67
CA PHE B 125 -17.65 8.61 3.69
C PHE B 125 -17.96 8.25 5.15
N VAL B 126 -19.19 7.83 5.45
CA VAL B 126 -19.52 7.41 6.81
C VAL B 126 -19.59 5.87 6.90
N GLY B 127 -18.85 5.29 7.84
CA GLY B 127 -18.80 3.84 7.97
C GLY B 127 -19.27 3.32 9.33
N LEU B 128 -19.99 2.21 9.33
CA LEU B 128 -20.42 1.58 10.59
C LEU B 128 -19.40 0.52 11.01
N ILE B 129 -18.95 0.57 12.27
CA ILE B 129 -17.82 -0.27 12.69
C ILE B 129 -18.21 -1.48 13.52
N ASP B 130 -17.67 -2.65 13.18
CA ASP B 130 -18.01 -3.91 13.88
C ASP B 130 -17.54 -3.95 15.32
N HIS B 131 -18.33 -4.53 16.21
CA HIS B 131 -18.03 -4.48 17.64
C HIS B 131 -16.77 -5.28 18.04
N ASN B 132 -16.28 -6.18 17.17
CA ASN B 132 -15.05 -6.92 17.51
C ASN B 132 -13.76 -6.30 16.94
N PHE B 133 -13.87 -5.19 16.23
CA PHE B 133 -12.68 -4.44 15.77
C PHE B 133 -11.90 -3.84 16.95
N GLN B 134 -10.58 -3.98 16.93
CA GLN B 134 -9.74 -3.32 17.94
C GLN B 134 -8.64 -2.56 17.22
N ALA B 135 -8.59 -1.24 17.44
CA ALA B 135 -7.63 -0.37 16.76
C ALA B 135 -6.19 -0.77 17.01
N GLN B 136 -5.38 -0.71 15.94
CA GLN B 136 -3.92 -0.86 16.03
C GLN B 136 -3.26 0.30 15.29
N PRO B 137 -2.98 1.38 16.01
CA PRO B 137 -2.36 2.57 15.42
C PRO B 137 -1.05 2.25 14.67
N ASN B 138 -0.88 2.74 13.45
CA ASN B 138 0.39 2.53 12.72
C ASN B 138 1.33 3.68 13.06
N PRO B 139 2.42 3.37 13.78
CA PRO B 139 3.26 4.46 14.32
C PRO B 139 4.00 5.24 13.24
N ALA B 140 4.02 4.73 12.00
CA ALA B 140 4.61 5.49 10.91
C ALA B 140 3.84 6.77 10.65
N GLU B 141 2.51 6.73 10.78
CA GLU B 141 1.74 7.94 10.44
C GLU B 141 0.66 8.32 11.47
N VAL B 142 0.52 7.56 12.54
CA VAL B 142 -0.48 7.89 13.55
C VAL B 142 0.10 7.80 14.95
N LYS B 143 0.07 8.93 15.67
CA LYS B 143 0.61 9.02 17.02
C LYS B 143 -0.39 8.50 18.09
N ASP B 144 -1.70 8.61 17.82
CA ASP B 144 -2.69 8.20 18.82
C ASP B 144 -4.03 7.98 18.13
N VAL B 145 -4.89 7.21 18.78
CA VAL B 145 -6.25 6.95 18.31
C VAL B 145 -7.20 7.00 19.51
N PHE B 146 -8.35 7.68 19.38
CA PHE B 146 -9.27 7.85 20.50
C PHE B 146 -10.74 7.97 20.05
N LEU B 147 -11.66 7.80 21.00
CA LEU B 147 -13.10 7.91 20.75
C LEU B 147 -13.70 9.16 21.41
N VAL B 148 -14.72 9.75 20.79
CA VAL B 148 -15.53 10.79 21.43
C VAL B 148 -17.00 10.42 21.25
N PRO B 149 -17.80 10.47 22.33
CA PRO B 149 -19.24 10.25 22.20
C PRO B 149 -19.87 11.15 21.14
N LEU B 150 -20.75 10.59 20.31
CA LEU B 150 -21.39 11.40 19.26
C LEU B 150 -22.16 12.60 19.83
N ALA B 151 -22.85 12.41 20.95
CA ALA B 151 -23.70 13.47 21.50
C ALA B 151 -22.92 14.70 22.00
N TYR B 152 -21.63 14.50 22.27
CA TYR B 152 -20.76 15.57 22.77
C TYR B 152 -20.62 16.72 21.75
N PHE B 153 -20.77 16.41 20.46
CA PHE B 153 -20.66 17.44 19.45
C PHE B 153 -21.94 18.30 19.31
N LEU B 154 -23.03 17.88 19.94
CA LEU B 154 -24.23 18.73 19.98
C LEU B 154 -24.40 19.41 21.33
N HIS B 155 -23.83 18.80 22.37
CA HIS B 155 -23.92 19.33 23.73
C HIS B 155 -22.56 19.23 24.44
N PRO B 156 -21.60 20.06 24.02
CA PRO B 156 -20.23 19.92 24.56
C PRO B 156 -20.06 20.64 25.89
N GLN B 157 -19.07 20.26 26.69
CA GLN B 157 -18.77 21.02 27.89
C GLN B 157 -17.66 22.04 27.66
N VAL B 158 -16.82 21.81 26.66
CA VAL B 158 -15.82 22.80 26.26
C VAL B 158 -15.83 23.02 24.75
N HIS B 159 -16.27 24.21 24.33
CA HIS B 159 -16.38 24.51 22.90
C HIS B 159 -16.31 26.02 22.59
N ASP B 160 -15.66 26.37 21.48
CA ASP B 160 -15.66 27.75 20.99
C ASP B 160 -15.82 27.77 19.48
N GLN B 161 -16.10 28.95 18.93
CA GLN B 161 -16.30 29.17 17.50
C GLN B 161 -15.69 30.49 17.04
N HIS B 162 -15.21 30.52 15.80
CA HIS B 162 -14.73 31.78 15.22
C HIS B 162 -15.13 31.87 13.73
N TYR B 163 -15.33 33.09 13.26
CA TYR B 163 -15.55 33.36 11.84
C TYR B 163 -14.23 33.45 11.07
N VAL B 164 -14.08 32.63 10.04
CA VAL B 164 -12.92 32.69 9.16
C VAL B 164 -13.41 32.80 7.71
N THR B 165 -12.73 33.60 6.90
CA THR B 165 -13.10 33.76 5.50
C THR B 165 -12.16 33.03 4.56
N ARG B 166 -12.45 31.76 4.29
CA ARG B 166 -11.68 30.95 3.36
C ARG B 166 -12.41 30.82 2.03
N LEU B 167 -11.68 31.03 0.93
CA LEU B 167 -12.16 30.81 -0.43
C LEU B 167 -13.31 31.71 -0.89
N GLY B 168 -13.64 32.76 -0.13
CA GLY B 168 -14.57 33.75 -0.61
C GLY B 168 -15.76 34.10 0.26
N HIS B 169 -16.03 33.29 1.28
CA HIS B 169 -17.18 33.60 2.13
C HIS B 169 -17.06 33.02 3.53
N ARG B 170 -17.84 33.58 4.44
CA ARG B 170 -17.56 33.40 5.85
C ARG B 170 -17.98 32.01 6.31
N PHE B 171 -17.01 31.29 6.87
CA PHE B 171 -17.28 29.97 7.40
C PHE B 171 -17.12 29.96 8.90
N ILE B 172 -17.69 28.95 9.55
CA ILE B 172 -17.55 28.81 11.00
C ILE B 172 -16.49 27.77 11.35
N ASN B 173 -15.55 28.16 12.20
CA ASN B 173 -14.52 27.27 12.67
C ASN B 173 -14.77 26.89 14.13
N HIS B 174 -15.14 25.64 14.37
CA HIS B 174 -15.36 25.14 15.73
C HIS B 174 -14.08 24.66 16.39
N ILE B 175 -14.00 24.84 17.69
CA ILE B 175 -12.96 24.20 18.49
C ILE B 175 -13.61 23.45 19.65
N PHE B 176 -13.54 22.12 19.60
CA PHE B 176 -14.01 21.29 20.71
C PHE B 176 -12.83 20.82 21.56
N GLU B 177 -13.06 20.64 22.85
CA GLU B 177 -12.06 20.00 23.70
C GLU B 177 -12.71 18.86 24.46
N TYR B 178 -12.09 17.69 24.41
CA TYR B 178 -12.65 16.52 25.09
C TYR B 178 -11.59 15.82 25.94
N THR B 179 -11.94 15.56 27.21
CA THR B 179 -11.06 14.83 28.11
C THR B 179 -11.58 13.41 28.34
N ASN B 180 -10.76 12.41 28.02
CA ASN B 180 -11.13 11.00 28.24
C ASN B 180 -11.02 10.65 29.72
N PRO B 181 -12.15 10.31 30.36
CA PRO B 181 -12.13 10.02 31.80
C PRO B 181 -11.36 8.73 32.14
N GLU B 182 -11.21 7.82 31.20
CA GLU B 182 -10.37 6.63 31.40
C GLU B 182 -8.92 6.96 31.83
N ASP B 183 -8.28 7.92 31.16
CA ASP B 183 -6.86 8.21 31.45
C ASP B 183 -6.51 9.69 31.68
N GLY B 184 -7.48 10.58 31.58
CA GLY B 184 -7.20 11.99 31.82
C GLY B 184 -6.53 12.72 30.66
N VAL B 185 -6.48 12.11 29.49
CA VAL B 185 -5.91 12.78 28.32
C VAL B 185 -6.94 13.71 27.63
N THR B 186 -6.52 14.94 27.31
CA THR B 186 -7.39 15.92 26.64
C THR B 186 -7.04 16.07 25.17
N TYR B 187 -8.04 16.04 24.29
CA TYR B 187 -7.82 16.28 22.87
C TYR B 187 -8.61 17.49 22.32
N GLN B 188 -8.04 18.14 21.32
CA GLN B 188 -8.70 19.26 20.66
C GLN B 188 -9.14 18.86 19.24
N ILE B 189 -10.43 19.04 18.92
CA ILE B 189 -10.94 18.77 17.56
C ILE B 189 -11.40 20.08 16.90
N LYS B 190 -10.88 20.42 15.72
CA LYS B 190 -11.20 21.71 15.09
C LYS B 190 -11.34 21.67 13.55
N GLY B 191 -11.67 22.82 12.96
CA GLY B 191 -11.70 22.94 11.50
C GLY B 191 -12.67 21.98 10.84
N MET B 192 -12.30 21.48 9.66
CA MET B 192 -13.18 20.62 8.86
C MET B 192 -13.62 19.36 9.62
N THR B 193 -12.67 18.76 10.33
CA THR B 193 -12.95 17.56 11.13
C THR B 193 -14.11 17.82 12.07
N ALA B 194 -14.05 18.95 12.77
CA ALA B 194 -15.08 19.35 13.73
C ALA B 194 -16.39 19.69 13.03
N ASN B 195 -16.32 20.36 11.87
CA ASN B 195 -17.53 20.61 11.07
C ASN B 195 -18.25 19.30 10.71
N LEU B 196 -17.52 18.34 10.17
CA LEU B 196 -18.14 17.07 9.76
C LEU B 196 -18.72 16.30 10.97
N ALA B 197 -18.04 16.35 12.12
CA ALA B 197 -18.54 15.66 13.32
C ALA B 197 -19.89 16.24 13.81
N VAL B 198 -20.02 17.55 13.74
CA VAL B 198 -21.27 18.23 14.14
C VAL B 198 -22.42 17.86 13.16
N LEU B 199 -22.13 17.89 11.86
CA LEU B 199 -23.14 17.57 10.85
C LEU B 199 -23.66 16.13 11.00
N VAL B 200 -22.75 15.18 11.13
CA VAL B 200 -23.18 13.78 11.19
C VAL B 200 -23.91 13.49 12.51
N ALA B 201 -23.44 14.09 13.60
CA ALA B 201 -24.14 14.00 14.88
C ALA B 201 -25.58 14.50 14.80
N PHE B 202 -25.80 15.61 14.09
CA PHE B 202 -27.17 16.13 13.96
C PHE B 202 -28.03 15.21 13.08
N ILE B 203 -27.46 14.72 11.99
CA ILE B 203 -28.20 13.84 11.08
C ILE B 203 -28.67 12.59 11.84
N ILE B 204 -27.80 12.05 12.69
CA ILE B 204 -28.11 10.81 13.39
C ILE B 204 -28.98 11.02 14.64
N LEU B 205 -28.70 12.07 15.41
CA LEU B 205 -29.33 12.24 16.72
C LEU B 205 -30.51 13.22 16.74
N GLU B 206 -30.51 14.17 15.79
CA GLU B 206 -31.59 15.14 15.66
C GLU B 206 -31.88 15.95 16.92
N LYS B 207 -30.82 16.37 17.62
CA LYS B 207 -30.94 17.32 18.72
C LYS B 207 -30.34 18.67 18.31
N LYS B 208 -31.12 19.74 18.45
CA LYS B 208 -30.64 21.08 18.10
C LYS B 208 -29.50 21.46 19.03
N PRO B 209 -28.33 21.78 18.44
CA PRO B 209 -27.11 22.07 19.19
C PRO B 209 -27.21 23.31 20.07
N THR B 210 -26.29 23.43 21.02
CA THR B 210 -26.28 24.58 21.93
C THR B 210 -25.50 25.77 21.36
N PHE B 211 -25.47 25.90 20.03
CA PHE B 211 -24.64 26.92 19.36
C PHE B 211 -24.97 27.01 17.85
N GLU B 212 -24.49 28.06 17.19
CA GLU B 212 -24.73 28.26 15.76
C GLU B 212 -23.87 27.36 14.84
N VAL B 213 -24.47 26.85 13.76
CA VAL B 213 -23.76 25.99 12.81
C VAL B 213 -23.88 26.55 11.39
N GLN B 214 -23.08 26.02 10.48
CA GLN B 214 -23.02 26.58 9.13
C GLN B 214 -24.28 26.28 8.31
N PHE B 215 -24.80 25.07 8.42
CA PHE B 215 -25.91 24.62 7.60
C PHE B 215 -27.27 25.00 8.21
N ASN B 216 -28.32 24.87 7.39
CA ASN B 216 -29.69 25.12 7.81
C ASN B 216 -30.29 23.89 8.52
N LEU B 217 -30.62 24.04 9.80
CA LEU B 217 -31.15 22.94 10.61
C LEU B 217 -32.43 22.34 10.02
N ASN B 218 -33.21 23.16 9.31
CA ASN B 218 -34.44 22.68 8.72
C ASN B 218 -34.30 22.28 7.24
N ASP B 219 -33.09 22.28 6.71
CA ASP B 219 -32.89 22.03 5.29
C ASP B 219 -31.46 21.61 5.03
N VAL B 220 -31.04 20.55 5.70
CA VAL B 220 -29.65 20.14 5.81
C VAL B 220 -29.03 19.75 4.47
N LEU B 221 -29.70 18.87 3.74
CA LEU B 221 -29.17 18.42 2.45
C LEU B 221 -28.96 19.60 1.47
N ALA B 222 -30.03 20.34 1.19
CA ALA B 222 -30.00 21.40 0.18
C ALA B 222 -29.04 22.53 0.54
N SER B 223 -29.10 22.97 1.80
CA SER B 223 -28.16 23.94 2.35
C SER B 223 -26.70 23.53 2.10
N SER B 224 -26.38 22.27 2.37
CA SER B 224 -25.02 21.77 2.23
C SER B 224 -24.56 21.79 0.78
N GLU B 225 -25.39 21.27 -0.12
CA GLU B 225 -25.09 21.27 -1.56
C GLU B 225 -24.87 22.69 -2.08
N GLU B 226 -25.78 23.57 -1.72
CA GLU B 226 -25.78 24.94 -2.24
C GLU B 226 -24.49 25.66 -1.87
N LEU B 227 -24.04 25.43 -0.64
CA LEU B 227 -22.78 25.99 -0.18
C LEU B 227 -21.62 25.51 -1.03
N PHE B 228 -21.58 24.20 -1.30
CA PHE B 228 -20.48 23.64 -2.08
C PHE B 228 -20.47 24.23 -3.48
N LEU B 229 -21.63 24.19 -4.14
CA LEU B 229 -21.73 24.66 -5.51
C LEU B 229 -21.33 26.14 -5.61
N LYS B 230 -21.58 26.89 -4.54
CA LYS B 230 -21.27 28.31 -4.49
C LYS B 230 -19.76 28.58 -4.57
N VAL B 231 -18.97 27.84 -3.80
CA VAL B 231 -17.53 28.08 -3.77
C VAL B 231 -16.82 27.45 -4.98
N HIS B 232 -17.48 26.51 -5.65
CA HIS B 232 -16.92 25.86 -6.83
C HIS B 232 -16.91 26.82 -8.03
N LYS B 233 -17.84 27.76 -8.04
CA LYS B 233 -17.89 28.78 -9.09
C LYS B 233 -17.33 30.11 -8.62
N ASN C 14 10.69 -1.08 -13.29
CA ASN C 14 10.06 -2.41 -13.41
C ASN C 14 9.60 -2.73 -14.84
N SER C 15 10.35 -3.59 -15.52
CA SER C 15 10.03 -3.95 -16.88
C SER C 15 8.83 -4.89 -16.99
N LEU C 16 8.96 -6.09 -16.43
CA LEU C 16 8.03 -7.19 -16.71
C LEU C 16 6.58 -6.80 -16.45
N LEU C 17 6.33 -6.18 -15.30
CA LEU C 17 4.96 -5.85 -14.91
C LEU C 17 4.41 -4.66 -15.70
N ASP C 18 5.29 -3.71 -16.06
CA ASP C 18 4.86 -2.54 -16.83
C ASP C 18 4.52 -2.88 -18.29
N ASP C 19 5.26 -3.82 -18.87
CA ASP C 19 4.95 -4.26 -20.22
C ASP C 19 3.63 -5.02 -20.26
N ALA C 20 3.37 -5.83 -19.24
CA ALA C 20 2.08 -6.51 -19.14
C ALA C 20 0.95 -5.48 -19.02
N LYS C 21 1.15 -4.47 -18.18
CA LYS C 21 0.16 -3.41 -18.01
C LYS C 21 -0.18 -2.73 -19.33
N ALA C 22 0.85 -2.46 -20.14
CA ALA C 22 0.65 -1.76 -21.40
C ALA C 22 -0.22 -2.59 -22.33
N ARG C 23 0.03 -3.90 -22.38
CA ARG C 23 -0.68 -4.76 -23.31
C ARG C 23 -2.11 -5.01 -22.85
N LEU C 24 -2.30 -5.14 -21.55
CA LEU C 24 -3.62 -5.36 -20.99
C LEU C 24 -4.54 -4.13 -21.14
N ARG C 25 -3.95 -2.93 -21.26
CA ARG C 25 -4.70 -1.68 -21.37
C ARG C 25 -5.85 -1.76 -22.36
N LYS C 26 -5.56 -2.22 -23.57
CA LYS C 26 -6.52 -2.24 -24.67
C LYS C 26 -7.78 -3.08 -24.39
N TYR C 27 -7.67 -4.01 -23.45
CA TYR C 27 -8.75 -4.96 -23.23
C TYR C 27 -9.59 -4.63 -22.00
N ASP C 28 -9.32 -3.49 -21.38
CA ASP C 28 -10.02 -3.09 -20.17
C ASP C 28 -11.42 -2.54 -20.54
N ILE C 29 -12.31 -3.44 -20.91
CA ILE C 29 -13.71 -3.11 -21.09
C ILE C 29 -14.31 -3.05 -19.70
N GLY C 30 -14.01 -1.96 -19.02
CA GLY C 30 -14.34 -1.79 -17.62
C GLY C 30 -15.70 -1.16 -17.44
N GLY C 31 -16.50 -1.75 -16.56
CA GLY C 31 -17.74 -1.12 -16.15
C GLY C 31 -18.96 -1.47 -16.97
N LYS C 32 -18.79 -1.54 -18.29
CA LYS C 32 -19.90 -1.70 -19.23
C LYS C 32 -20.97 -2.69 -18.78
N TYR C 33 -20.54 -3.86 -18.33
CA TYR C 33 -21.51 -4.92 -18.02
C TYR C 33 -21.78 -5.07 -16.52
N SER C 34 -21.40 -4.07 -15.74
CA SER C 34 -21.44 -4.23 -14.29
C SER C 34 -22.83 -4.03 -13.69
N HIS C 35 -23.82 -3.74 -14.52
CA HIS C 35 -25.15 -3.43 -14.02
C HIS C 35 -26.22 -4.46 -14.38
N LEU C 36 -25.83 -5.53 -15.06
CA LEU C 36 -26.75 -6.59 -15.43
C LEU C 36 -27.13 -7.39 -14.19
N PRO C 37 -28.44 -7.58 -13.95
CA PRO C 37 -28.96 -8.11 -12.68
C PRO C 37 -28.77 -9.61 -12.47
N TYR C 38 -27.56 -10.11 -12.74
CA TYR C 38 -27.23 -11.51 -12.48
C TYR C 38 -26.90 -11.73 -11.02
N ASN C 39 -26.82 -12.99 -10.60
CA ASN C 39 -26.10 -13.31 -9.36
C ASN C 39 -24.62 -13.10 -9.68
N LYS C 40 -23.95 -12.19 -8.95
CA LYS C 40 -22.63 -11.70 -9.38
C LYS C 40 -21.48 -12.17 -8.50
N TYR C 41 -20.40 -12.60 -9.15
CA TYR C 41 -19.12 -12.99 -8.54
C TYR C 41 -17.99 -12.24 -9.22
N SER C 42 -16.93 -11.91 -8.48
CA SER C 42 -15.69 -11.38 -9.07
C SER C 42 -14.52 -12.36 -8.90
N VAL C 43 -13.59 -12.39 -9.84
CA VAL C 43 -12.31 -13.09 -9.65
C VAL C 43 -11.12 -12.14 -9.95
N LEU C 44 -10.00 -12.38 -9.28
CA LEU C 44 -8.77 -11.63 -9.53
C LEU C 44 -7.74 -12.57 -10.14
N LEU C 45 -7.16 -12.20 -11.28
CA LEU C 45 -6.08 -12.95 -11.90
C LEU C 45 -4.75 -12.35 -11.50
N PRO C 46 -4.01 -13.02 -10.61
CA PRO C 46 -2.82 -12.37 -10.03
C PRO C 46 -1.53 -12.70 -10.75
N LEU C 47 -0.94 -11.70 -11.41
CA LEU C 47 0.32 -11.89 -12.13
C LEU C 47 1.52 -11.61 -11.23
N VAL C 48 2.47 -12.55 -11.20
CA VAL C 48 3.61 -12.54 -10.27
C VAL C 48 4.94 -12.76 -10.99
N ALA C 49 5.95 -11.94 -10.71
CA ALA C 49 7.27 -12.15 -11.30
C ALA C 49 8.12 -13.09 -10.46
N LYS C 50 8.64 -14.15 -11.08
CA LYS C 50 9.56 -15.07 -10.42
C LYS C 50 10.59 -15.60 -11.42
N GLU C 51 11.82 -15.71 -10.96
CA GLU C 51 12.90 -16.27 -11.78
C GLU C 51 12.93 -15.65 -13.17
N GLY C 52 12.62 -14.36 -13.28
CA GLY C 52 12.73 -13.66 -14.55
C GLY C 52 11.52 -13.65 -15.48
N LYS C 53 10.48 -14.41 -15.13
CA LYS C 53 9.31 -14.56 -16.01
C LYS C 53 8.00 -14.39 -15.23
N LEU C 54 6.90 -14.14 -15.95
CA LEU C 54 5.60 -14.00 -15.30
C LEU C 54 4.91 -15.35 -14.97
N HIS C 55 4.20 -15.39 -13.85
CA HIS C 55 3.45 -16.55 -13.37
C HIS C 55 2.03 -16.11 -13.00
N LEU C 56 1.08 -17.05 -13.00
CA LEU C 56 -0.28 -16.82 -12.50
C LEU C 56 -0.43 -17.52 -11.15
N LEU C 57 -1.12 -16.90 -10.19
CA LEU C 57 -1.36 -17.52 -8.88
C LEU C 57 -2.77 -18.15 -8.81
N PHE C 58 -2.87 -19.39 -8.31
CA PHE C 58 -4.13 -20.12 -8.23
C PHE C 58 -4.44 -20.57 -6.79
N THR C 59 -5.72 -20.81 -6.48
CA THR C 59 -6.10 -21.43 -5.20
C THR C 59 -6.78 -22.78 -5.40
N VAL C 60 -6.71 -23.62 -4.36
CA VAL C 60 -7.52 -24.83 -4.29
C VAL C 60 -8.55 -24.63 -3.18
N ARG C 61 -9.83 -24.62 -3.54
CA ARG C 61 -10.93 -24.35 -2.62
C ARG C 61 -11.12 -25.47 -1.61
N SER C 62 -11.55 -25.08 -0.42
CA SER C 62 -11.83 -26.04 0.66
C SER C 62 -13.08 -26.89 0.38
N GLU C 63 -13.16 -28.05 1.02
CA GLU C 63 -14.30 -28.94 0.85
C GLU C 63 -15.60 -28.41 1.47
N LYS C 64 -15.47 -27.62 2.53
CA LYS C 64 -16.65 -27.23 3.29
C LYS C 64 -17.47 -26.16 2.57
N LEU C 65 -16.98 -25.68 1.43
CA LEU C 65 -17.69 -24.62 0.71
C LEU C 65 -18.85 -25.19 -0.11
N ARG C 66 -19.90 -24.39 -0.27
CA ARG C 66 -21.05 -24.80 -1.07
C ARG C 66 -20.69 -24.85 -2.55
N ARG C 67 -20.26 -23.70 -3.08
CA ARG C 67 -19.95 -23.57 -4.49
C ARG C 67 -18.55 -24.11 -4.83
N ALA C 68 -18.52 -25.12 -5.69
CA ALA C 68 -17.28 -25.68 -6.24
C ALA C 68 -16.23 -26.11 -5.21
N PRO C 69 -16.61 -26.97 -4.24
CA PRO C 69 -15.60 -27.43 -3.29
C PRO C 69 -14.50 -28.27 -3.95
N GLY C 70 -13.26 -28.09 -3.51
CA GLY C 70 -12.14 -28.87 -4.03
C GLY C 70 -11.54 -28.40 -5.35
N GLU C 71 -12.22 -27.50 -6.04
CA GLU C 71 -11.76 -27.10 -7.38
C GLU C 71 -10.63 -26.07 -7.37
N VAL C 72 -9.84 -26.08 -8.44
CA VAL C 72 -8.80 -25.08 -8.69
C VAL C 72 -9.42 -23.84 -9.34
N CYS C 73 -9.11 -22.66 -8.82
CA CYS C 73 -9.69 -21.41 -9.33
C CYS C 73 -8.81 -20.19 -9.00
N PHE C 74 -9.12 -19.03 -9.58
CA PHE C 74 -8.52 -17.77 -9.15
C PHE C 74 -9.17 -17.29 -7.87
N PRO C 75 -8.43 -16.52 -7.05
CA PRO C 75 -9.01 -15.88 -5.87
C PRO C 75 -10.25 -15.06 -6.26
N GLY C 76 -11.28 -15.07 -5.41
CA GLY C 76 -12.49 -14.33 -5.72
C GLY C 76 -13.69 -14.85 -4.95
N GLY C 77 -14.88 -14.37 -5.27
CA GLY C 77 -16.05 -14.78 -4.52
C GLY C 77 -17.28 -13.97 -4.86
N LYS C 78 -18.37 -14.22 -4.14
CA LYS C 78 -19.64 -13.54 -4.35
C LYS C 78 -19.62 -12.09 -3.91
N ARG C 79 -20.21 -11.22 -4.73
CA ARG C 79 -20.39 -9.83 -4.32
C ARG C 79 -21.32 -9.71 -3.11
N ASP C 80 -20.83 -9.08 -2.07
CA ASP C 80 -21.54 -8.90 -0.82
C ASP C 80 -22.43 -7.66 -0.94
N PRO C 81 -23.56 -7.64 -0.22
CA PRO C 81 -24.36 -6.40 -0.29
C PRO C 81 -23.59 -5.15 0.19
N THR C 82 -22.55 -5.33 1.01
CA THR C 82 -21.81 -4.19 1.56
C THR C 82 -20.59 -3.77 0.71
N ASP C 83 -20.19 -4.58 -0.26
CA ASP C 83 -19.17 -4.17 -1.22
C ASP C 83 -19.64 -2.99 -2.07
N MET C 84 -18.77 -2.01 -2.32
CA MET C 84 -19.19 -0.85 -3.10
C MET C 84 -19.41 -1.16 -4.58
N ASP C 85 -18.63 -2.10 -5.14
CA ASP C 85 -18.69 -2.45 -6.55
C ASP C 85 -17.97 -3.78 -6.81
N ASP C 86 -17.88 -4.18 -8.08
CA ASP C 86 -17.29 -5.48 -8.44
C ASP C 86 -15.79 -5.59 -8.18
N ALA C 87 -15.05 -4.50 -8.44
CA ALA C 87 -13.61 -4.45 -8.13
C ALA C 87 -13.38 -4.66 -6.65
N ALA C 88 -14.18 -3.98 -5.84
CA ALA C 88 -14.05 -4.08 -4.38
C ALA C 88 -14.23 -5.51 -3.90
N THR C 89 -15.20 -6.22 -4.48
CA THR C 89 -15.38 -7.64 -4.16
C THR C 89 -14.09 -8.44 -4.44
N ALA C 90 -13.52 -8.26 -5.62
CA ALA C 90 -12.30 -8.98 -5.98
C ALA C 90 -11.18 -8.73 -4.98
N LEU C 91 -10.97 -7.47 -4.58
CA LEU C 91 -9.87 -7.14 -3.67
C LEU C 91 -10.08 -7.71 -2.27
N ARG C 92 -11.30 -7.63 -1.77
CA ARG C 92 -11.59 -8.09 -0.41
C ARG C 92 -11.43 -9.61 -0.30
N GLU C 93 -11.99 -10.32 -1.28
CA GLU C 93 -11.90 -11.78 -1.29
C GLU C 93 -10.45 -12.26 -1.40
N ALA C 94 -9.64 -11.58 -2.21
CA ALA C 94 -8.23 -11.91 -2.35
C ALA C 94 -7.48 -11.74 -1.03
N GLN C 95 -7.82 -10.69 -0.29
CA GLN C 95 -7.21 -10.50 1.02
C GLN C 95 -7.65 -11.62 1.98
N GLU C 96 -8.95 -11.95 2.00
CA GLU C 96 -9.48 -12.98 2.90
C GLU C 96 -8.93 -14.36 2.58
N GLU C 97 -8.72 -14.63 1.29
CA GLU C 97 -8.29 -15.97 0.86
C GLU C 97 -6.78 -16.23 0.92
N VAL C 98 -5.96 -15.25 0.54
CA VAL C 98 -4.52 -15.48 0.48
C VAL C 98 -3.68 -14.40 1.17
N GLY C 99 -4.32 -13.47 1.85
CA GLY C 99 -3.61 -12.44 2.61
C GLY C 99 -3.09 -11.24 1.80
N LEU C 100 -3.56 -11.09 0.58
CA LEU C 100 -3.11 -10.00 -0.29
C LEU C 100 -3.71 -8.67 0.15
N ARG C 101 -2.86 -7.70 0.52
CA ARG C 101 -3.36 -6.39 0.96
C ARG C 101 -3.42 -5.38 -0.19
N PRO C 102 -4.24 -4.33 -0.04
CA PRO C 102 -4.50 -3.40 -1.16
C PRO C 102 -3.25 -2.73 -1.73
N HIS C 103 -2.22 -2.49 -0.93
CA HIS C 103 -1.03 -1.83 -1.47
C HIS C 103 -0.15 -2.80 -2.27
N GLN C 104 -0.45 -4.11 -2.20
CA GLN C 104 0.39 -5.13 -2.84
C GLN C 104 -0.12 -5.54 -4.23
N VAL C 105 -1.15 -4.85 -4.71
CA VAL C 105 -1.74 -5.20 -5.99
C VAL C 105 -2.25 -3.97 -6.76
N GLU C 106 -1.94 -3.92 -8.06
CA GLU C 106 -2.46 -2.88 -8.93
C GLU C 106 -3.41 -3.48 -9.95
N VAL C 107 -4.70 -3.17 -9.84
CA VAL C 107 -5.68 -3.66 -10.80
C VAL C 107 -5.58 -2.88 -12.11
N VAL C 108 -5.26 -3.57 -13.20
CA VAL C 108 -5.03 -2.89 -14.49
C VAL C 108 -5.97 -3.27 -15.64
N CYS C 109 -6.95 -4.14 -15.39
CA CYS C 109 -7.84 -4.61 -16.46
C CYS C 109 -9.12 -5.25 -15.92
N CYS C 110 -10.27 -4.83 -16.43
CA CYS C 110 -11.54 -5.54 -16.23
C CYS C 110 -11.94 -6.18 -17.55
N LEU C 111 -12.02 -7.51 -17.57
CA LEU C 111 -12.26 -8.23 -18.82
C LEU C 111 -13.76 -8.46 -19.07
N VAL C 112 -14.12 -8.80 -20.31
CA VAL C 112 -15.47 -9.25 -20.64
C VAL C 112 -15.87 -10.41 -19.72
N PRO C 113 -17.06 -10.34 -19.09
CA PRO C 113 -17.45 -11.36 -18.11
C PRO C 113 -17.85 -12.71 -18.73
N CYS C 114 -18.02 -13.71 -17.86
CA CYS C 114 -18.38 -15.06 -18.27
C CYS C 114 -19.64 -15.53 -17.57
N LEU C 115 -20.56 -16.10 -18.33
CA LEU C 115 -21.70 -16.78 -17.73
C LEU C 115 -21.36 -18.22 -17.40
N ILE C 116 -21.49 -18.61 -16.14
CA ILE C 116 -21.30 -20.01 -15.80
C ILE C 116 -22.66 -20.72 -15.78
N ASP C 117 -23.74 -19.95 -15.68
CA ASP C 117 -25.07 -20.46 -16.00
C ASP C 117 -25.97 -19.31 -16.42
N THR C 118 -27.24 -19.63 -16.67
CA THR C 118 -28.19 -18.64 -17.17
C THR C 118 -28.49 -17.52 -16.15
N ASP C 119 -28.05 -17.68 -14.90
CA ASP C 119 -28.35 -16.69 -13.87
C ASP C 119 -27.15 -16.15 -13.11
N THR C 120 -25.96 -16.68 -13.40
CA THR C 120 -24.74 -16.36 -12.65
C THR C 120 -23.63 -15.80 -13.54
N LEU C 121 -23.10 -14.63 -13.16
CA LEU C 121 -22.12 -13.92 -13.99
C LEU C 121 -20.78 -13.71 -13.24
N ILE C 122 -19.66 -14.08 -13.86
CA ILE C 122 -18.34 -13.83 -13.25
C ILE C 122 -17.63 -12.65 -13.92
N THR C 123 -17.22 -11.67 -13.13
CA THR C 123 -16.43 -10.56 -13.66
C THR C 123 -14.95 -10.69 -13.30
N PRO C 124 -14.08 -10.87 -14.31
CA PRO C 124 -12.64 -11.02 -14.06
C PRO C 124 -11.84 -9.72 -14.08
N PHE C 125 -10.88 -9.60 -13.15
CA PHE C 125 -9.96 -8.46 -13.07
C PHE C 125 -8.52 -8.97 -13.11
N VAL C 126 -7.63 -8.28 -13.80
CA VAL C 126 -6.22 -8.65 -13.81
C VAL C 126 -5.42 -7.73 -12.88
N GLY C 127 -4.59 -8.30 -12.01
CA GLY C 127 -3.81 -7.52 -11.06
C GLY C 127 -2.32 -7.80 -11.12
N LEU C 128 -1.50 -6.76 -11.02
CA LEU C 128 -0.04 -6.91 -10.95
C LEU C 128 0.39 -6.98 -9.49
N ILE C 129 1.09 -8.05 -9.11
CA ILE C 129 1.39 -8.34 -7.70
C ILE C 129 2.80 -7.90 -7.29
N ASP C 130 2.92 -7.23 -6.13
CA ASP C 130 4.23 -6.78 -5.64
C ASP C 130 5.19 -7.92 -5.32
N HIS C 131 6.49 -7.71 -5.55
CA HIS C 131 7.48 -8.77 -5.35
C HIS C 131 7.72 -9.15 -3.89
N ASN C 132 7.33 -8.29 -2.94
CA ASN C 132 7.48 -8.68 -1.52
C ASN C 132 6.24 -9.36 -0.92
N PHE C 133 5.17 -9.52 -1.70
CA PHE C 133 3.99 -10.29 -1.24
C PHE C 133 4.34 -11.76 -0.96
N GLN C 134 3.94 -12.27 0.20
CA GLN C 134 4.07 -13.70 0.49
C GLN C 134 2.69 -14.31 0.80
N ALA C 135 2.24 -15.28 0.02
CA ALA C 135 0.89 -15.82 0.20
C ALA C 135 0.71 -16.43 1.57
N GLN C 136 -0.43 -16.17 2.20
CA GLN C 136 -0.79 -16.84 3.44
C GLN C 136 -2.18 -17.50 3.32
N PRO C 137 -2.22 -18.76 2.87
CA PRO C 137 -3.51 -19.46 2.66
C PRO C 137 -4.41 -19.44 3.89
N ASN C 138 -5.68 -19.04 3.74
CA ASN C 138 -6.65 -19.11 4.84
C ASN C 138 -7.30 -20.50 4.86
N PRO C 139 -7.01 -21.33 5.89
CA PRO C 139 -7.47 -22.73 5.82
C PRO C 139 -8.98 -22.90 5.92
N ALA C 140 -9.72 -21.87 6.31
CA ALA C 140 -11.17 -21.97 6.34
C ALA C 140 -11.70 -22.14 4.92
N GLU C 141 -11.06 -21.54 3.92
CA GLU C 141 -11.61 -21.66 2.56
C GLU C 141 -10.61 -22.03 1.46
N VAL C 142 -9.33 -22.07 1.78
CA VAL C 142 -8.34 -22.44 0.78
C VAL C 142 -7.43 -23.56 1.29
N LYS C 143 -7.38 -24.66 0.54
CA LYS C 143 -6.58 -25.83 0.89
C LYS C 143 -5.13 -25.67 0.46
N ASP C 144 -4.89 -24.85 -0.55
CA ASP C 144 -3.55 -24.70 -1.12
C ASP C 144 -3.50 -23.51 -2.05
N VAL C 145 -2.29 -23.01 -2.29
CA VAL C 145 -2.02 -21.87 -3.18
C VAL C 145 -0.78 -22.22 -3.98
N PHE C 146 -0.82 -22.04 -5.30
CA PHE C 146 0.35 -22.38 -6.12
C PHE C 146 0.50 -21.47 -7.36
N LEU C 147 1.72 -21.43 -7.91
CA LEU C 147 2.02 -20.67 -9.14
C LEU C 147 2.17 -21.55 -10.38
N VAL C 148 1.81 -21.01 -11.55
CA VAL C 148 2.17 -21.63 -12.84
C VAL C 148 2.76 -20.58 -13.76
N PRO C 149 3.91 -20.88 -14.41
CA PRO C 149 4.47 -19.93 -15.38
C PRO C 149 3.43 -19.55 -16.45
N LEU C 150 3.30 -18.27 -16.78
CA LEU C 150 2.29 -17.84 -17.76
C LEU C 150 2.46 -18.51 -19.14
N ALA C 151 3.71 -18.71 -19.57
CA ALA C 151 4.00 -19.35 -20.86
C ALA C 151 3.48 -20.79 -20.98
N TYR C 152 3.27 -21.45 -19.85
CA TYR C 152 2.81 -22.84 -19.87
C TYR C 152 1.43 -22.98 -20.53
N PHE C 153 0.59 -21.95 -20.43
CA PHE C 153 -0.76 -22.03 -20.97
C PHE C 153 -0.81 -21.82 -22.49
N LEU C 154 0.33 -21.51 -23.11
CA LEU C 154 0.42 -21.40 -24.56
C LEU C 154 1.30 -22.50 -25.15
N HIS C 155 2.29 -22.93 -24.38
CA HIS C 155 3.16 -24.02 -24.80
C HIS C 155 3.26 -25.11 -23.71
N PRO C 156 2.16 -25.85 -23.48
CA PRO C 156 2.16 -26.81 -22.35
C PRO C 156 2.85 -28.12 -22.71
N GLN C 157 3.22 -28.89 -21.69
CA GLN C 157 3.81 -30.20 -21.95
C GLN C 157 2.80 -31.30 -21.68
N VAL C 158 1.83 -31.03 -20.83
CA VAL C 158 0.70 -31.95 -20.63
C VAL C 158 -0.60 -31.17 -20.76
N HIS C 159 -1.41 -31.49 -21.77
CA HIS C 159 -2.64 -30.73 -22.02
C HIS C 159 -3.57 -31.53 -22.92
N ASP C 160 -4.88 -31.42 -22.70
CA ASP C 160 -5.87 -32.00 -23.60
C ASP C 160 -7.07 -31.04 -23.70
N GLN C 161 -7.95 -31.22 -24.69
CA GLN C 161 -9.12 -30.34 -24.83
C GLN C 161 -10.27 -31.00 -25.59
N HIS C 162 -11.50 -30.61 -25.26
CA HIS C 162 -12.71 -31.13 -25.91
C HIS C 162 -13.76 -30.02 -26.12
N TYR C 163 -14.47 -30.06 -27.25
CA TYR C 163 -15.63 -29.19 -27.46
C TYR C 163 -16.72 -29.54 -26.43
N VAL C 164 -17.38 -28.53 -25.90
CA VAL C 164 -18.56 -28.71 -25.05
C VAL C 164 -19.62 -27.69 -25.45
N THR C 165 -20.82 -28.16 -25.78
CA THR C 165 -21.90 -27.23 -26.12
C THR C 165 -22.77 -26.88 -24.93
N ARG C 166 -22.74 -25.60 -24.56
CA ARG C 166 -23.31 -25.11 -23.31
C ARG C 166 -23.96 -23.75 -23.57
N LEU C 167 -25.12 -23.52 -22.94
CA LEU C 167 -25.82 -22.24 -23.07
C LEU C 167 -26.06 -21.81 -24.53
N GLY C 168 -26.11 -22.77 -25.44
CA GLY C 168 -26.46 -22.50 -26.82
C GLY C 168 -25.34 -22.56 -27.85
N HIS C 169 -24.09 -22.49 -27.41
CA HIS C 169 -22.96 -22.42 -28.33
C HIS C 169 -21.75 -23.26 -27.86
N ARG C 170 -20.81 -23.54 -28.77
CA ARG C 170 -19.77 -24.53 -28.52
C ARG C 170 -18.52 -23.92 -27.88
N PHE C 171 -18.31 -24.23 -26.60
CA PHE C 171 -17.12 -23.80 -25.89
C PHE C 171 -16.02 -24.84 -25.98
N ILE C 172 -14.85 -24.49 -25.47
CA ILE C 172 -13.75 -25.44 -25.38
C ILE C 172 -13.39 -25.65 -23.92
N ASN C 173 -13.36 -26.92 -23.52
CA ASN C 173 -12.94 -27.30 -22.18
C ASN C 173 -11.49 -27.82 -22.17
N HIS C 174 -10.59 -27.02 -21.61
CA HIS C 174 -9.16 -27.36 -21.53
C HIS C 174 -8.90 -28.15 -20.27
N ILE C 175 -7.88 -29.00 -20.29
CA ILE C 175 -7.33 -29.59 -19.07
C ILE C 175 -5.81 -29.51 -19.13
N PHE C 176 -5.24 -28.63 -18.32
CA PHE C 176 -3.81 -28.44 -18.21
C PHE C 176 -3.28 -29.23 -17.01
N GLU C 177 -2.12 -29.85 -17.14
CA GLU C 177 -1.52 -30.49 -15.99
C GLU C 177 -0.11 -29.95 -15.75
N TYR C 178 0.14 -29.44 -14.54
CA TYR C 178 1.44 -28.82 -14.22
C TYR C 178 2.07 -29.37 -12.94
N THR C 179 3.35 -29.74 -13.02
CA THR C 179 4.08 -30.27 -11.87
C THR C 179 5.15 -29.27 -11.43
N ASN C 180 5.08 -28.82 -10.19
CA ASN C 180 6.07 -27.92 -9.63
C ASN C 180 7.33 -28.70 -9.27
N PRO C 181 8.45 -28.41 -9.95
CA PRO C 181 9.73 -29.13 -9.75
C PRO C 181 10.29 -28.98 -8.33
N GLU C 182 9.96 -27.87 -7.66
CA GLU C 182 10.46 -27.61 -6.31
C GLU C 182 9.95 -28.63 -5.28
N ASP C 183 8.67 -28.95 -5.32
CA ASP C 183 8.06 -29.89 -4.35
C ASP C 183 7.49 -31.17 -4.98
N GLY C 184 7.42 -31.22 -6.31
CA GLY C 184 6.89 -32.39 -6.97
C GLY C 184 5.36 -32.50 -6.95
N VAL C 185 4.68 -31.46 -6.49
CA VAL C 185 3.22 -31.44 -6.49
C VAL C 185 2.67 -31.19 -7.91
N THR C 186 1.63 -31.93 -8.28
CA THR C 186 1.02 -31.81 -9.62
C THR C 186 -0.41 -31.28 -9.50
N TYR C 187 -0.75 -30.30 -10.34
CA TYR C 187 -2.06 -29.65 -10.34
C TYR C 187 -2.76 -29.75 -11.70
N GLN C 188 -4.09 -29.92 -11.69
CA GLN C 188 -4.92 -29.80 -12.89
C GLN C 188 -5.66 -28.45 -12.94
N ILE C 189 -5.58 -27.76 -14.09
CA ILE C 189 -6.31 -26.49 -14.27
C ILE C 189 -7.27 -26.67 -15.46
N LYS C 190 -8.55 -26.40 -15.24
CA LYS C 190 -9.55 -26.61 -16.29
C LYS C 190 -10.73 -25.63 -16.27
N GLY C 191 -11.67 -25.83 -17.20
CA GLY C 191 -12.90 -25.04 -17.28
C GLY C 191 -12.68 -23.56 -17.52
N MET C 192 -13.56 -22.74 -16.95
CA MET C 192 -13.49 -21.31 -17.11
C MET C 192 -12.12 -20.76 -16.65
N THR C 193 -11.61 -21.32 -15.56
CA THR C 193 -10.29 -20.89 -15.07
C THR C 193 -9.21 -21.05 -16.14
N ALA C 194 -9.23 -22.17 -16.84
CA ALA C 194 -8.28 -22.43 -17.91
C ALA C 194 -8.51 -21.51 -19.13
N ASN C 195 -9.76 -21.23 -19.46
CA ASN C 195 -10.03 -20.31 -20.58
C ASN C 195 -9.44 -18.91 -20.28
N LEU C 196 -9.62 -18.42 -19.06
CA LEU C 196 -9.12 -17.09 -18.69
C LEU C 196 -7.60 -17.06 -18.71
N ALA C 197 -6.98 -18.15 -18.23
CA ALA C 197 -5.52 -18.23 -18.18
C ALA C 197 -4.88 -18.19 -19.58
N VAL C 198 -5.48 -18.90 -20.52
CA VAL C 198 -5.04 -18.92 -21.92
C VAL C 198 -5.20 -17.54 -22.61
N LEU C 199 -6.34 -16.89 -22.41
CA LEU C 199 -6.60 -15.57 -22.99
C LEU C 199 -5.59 -14.54 -22.49
N VAL C 200 -5.42 -14.45 -21.17
CA VAL C 200 -4.51 -13.46 -20.59
C VAL C 200 -3.06 -13.73 -21.01
N ALA C 201 -2.68 -15.00 -21.06
CA ALA C 201 -1.35 -15.39 -21.58
C ALA C 201 -1.17 -14.94 -23.02
N PHE C 202 -2.18 -15.14 -23.87
CA PHE C 202 -2.06 -14.71 -25.27
C PHE C 202 -1.96 -13.18 -25.39
N ILE C 203 -2.81 -12.46 -24.67
CA ILE C 203 -2.77 -11.00 -24.65
C ILE C 203 -1.37 -10.49 -24.32
N ILE C 204 -0.73 -11.11 -23.33
CA ILE C 204 0.52 -10.61 -22.78
C ILE C 204 1.76 -11.09 -23.54
N LEU C 205 1.77 -12.35 -23.98
CA LEU C 205 2.94 -12.94 -24.61
C LEU C 205 2.86 -13.01 -26.13
N GLU C 206 1.64 -13.06 -26.66
CA GLU C 206 1.37 -13.08 -28.10
C GLU C 206 1.98 -14.26 -28.86
N LYS C 207 2.20 -15.37 -28.17
CA LYS C 207 2.62 -16.61 -28.84
C LYS C 207 1.39 -17.45 -29.20
N LYS C 208 1.30 -17.87 -30.45
CA LYS C 208 0.16 -18.70 -30.87
C LYS C 208 0.27 -20.09 -30.25
N PRO C 209 -0.82 -20.55 -29.61
CA PRO C 209 -0.82 -21.81 -28.84
C PRO C 209 -0.71 -23.06 -29.72
N THR C 210 -0.34 -24.16 -29.07
CA THR C 210 -0.23 -25.45 -29.74
C THR C 210 -1.57 -26.19 -29.80
N PHE C 211 -2.67 -25.43 -29.87
CA PHE C 211 -4.03 -26.00 -29.79
C PHE C 211 -5.09 -24.97 -30.18
N GLU C 212 -6.36 -25.40 -30.26
CA GLU C 212 -7.46 -24.50 -30.62
C GLU C 212 -7.97 -23.69 -29.41
N VAL C 213 -8.44 -22.47 -29.65
CA VAL C 213 -8.97 -21.61 -28.57
C VAL C 213 -10.34 -21.05 -28.94
N GLN C 214 -11.06 -20.50 -27.95
CA GLN C 214 -12.44 -20.03 -28.18
C GLN C 214 -12.52 -18.69 -28.89
N PHE C 215 -11.50 -17.88 -28.74
CA PHE C 215 -11.48 -16.56 -29.36
C PHE C 215 -10.76 -16.55 -30.71
N ASN C 216 -10.86 -15.43 -31.41
CA ASN C 216 -10.15 -15.21 -32.67
C ASN C 216 -8.78 -14.61 -32.41
N LEU C 217 -7.72 -15.34 -32.78
CA LEU C 217 -6.34 -14.90 -32.54
C LEU C 217 -5.99 -13.58 -33.23
N ASN C 218 -6.73 -13.23 -34.28
CA ASN C 218 -6.49 -11.97 -34.98
C ASN C 218 -7.55 -10.92 -34.69
N ASP C 219 -8.44 -11.21 -33.74
CA ASP C 219 -9.53 -10.30 -33.41
C ASP C 219 -10.05 -10.59 -32.00
N VAL C 220 -9.14 -10.48 -31.04
CA VAL C 220 -9.39 -10.95 -29.68
C VAL C 220 -10.52 -10.20 -28.99
N LEU C 221 -10.41 -8.87 -28.94
CA LEU C 221 -11.39 -8.07 -28.22
C LEU C 221 -12.81 -8.22 -28.81
N ALA C 222 -12.93 -8.14 -30.13
CA ALA C 222 -14.24 -8.19 -30.77
C ALA C 222 -14.89 -9.55 -30.63
N SER C 223 -14.12 -10.61 -30.84
CA SER C 223 -14.66 -11.96 -30.75
C SER C 223 -15.11 -12.28 -29.32
N SER C 224 -14.31 -11.83 -28.35
CA SER C 224 -14.65 -12.02 -26.94
C SER C 224 -15.99 -11.38 -26.61
N GLU C 225 -16.11 -10.10 -26.94
CA GLU C 225 -17.29 -9.32 -26.59
C GLU C 225 -18.53 -9.85 -27.31
N GLU C 226 -18.32 -10.35 -28.53
CA GLU C 226 -19.41 -10.91 -29.32
C GLU C 226 -19.94 -12.20 -28.70
N LEU C 227 -19.04 -13.03 -28.19
CA LEU C 227 -19.41 -14.30 -27.57
C LEU C 227 -20.32 -14.10 -26.35
N PHE C 228 -19.94 -13.19 -25.47
CA PHE C 228 -20.77 -12.89 -24.29
C PHE C 228 -22.18 -12.46 -24.70
N LEU C 229 -22.28 -11.56 -25.66
CA LEU C 229 -23.58 -11.00 -26.06
C LEU C 229 -24.48 -12.06 -26.68
N LYS C 230 -23.86 -13.05 -27.35
CA LYS C 230 -24.60 -14.20 -27.87
C LYS C 230 -25.25 -15.01 -26.74
N VAL C 231 -24.47 -15.32 -25.71
CA VAL C 231 -24.99 -16.12 -24.60
C VAL C 231 -26.02 -15.32 -23.79
N HIS C 232 -25.73 -14.04 -23.56
CA HIS C 232 -26.63 -13.18 -22.79
C HIS C 232 -27.99 -13.05 -23.47
N LYS C 233 -27.97 -12.95 -24.80
CA LYS C 233 -29.20 -12.78 -25.57
C LYS C 233 -30.03 -14.06 -25.57
N LYS C 234 -29.37 -15.20 -25.73
CA LYS C 234 -30.03 -16.50 -25.71
C LYS C 234 -30.37 -16.92 -24.29
#